data_7U4B
#
_entry.id   7U4B
#
_cell.length_a   170.955
_cell.length_b   50.939
_cell.length_c   106.597
_cell.angle_alpha   90.000
_cell.angle_beta   113.450
_cell.angle_gamma   90.000
#
_symmetry.space_group_name_H-M   'C 1 2 1'
#
loop_
_entity.id
_entity.type
_entity.pdbx_description
1 polymer Beta-lactamase
2 non-polymer '(2S,4S)-2-[(1S)-1-{[(2S)-2-amino-2-phenylacetyl]amino}-2-oxoethyl]-5,5-dimethyl-1,3-thiazolidine-4-carboxylic acid'
3 non-polymer 'SULFATE ION'
4 water water
#
_entity_poly.entity_id   1
_entity_poly.type   'polypeptide(L)'
_entity_poly.pdbx_seq_one_letter_code
;MVKKSLRQFTLMATATVTLLLGSVPLYPLTADVQQKLAELERQSGGRLGVALINTADNSQILYRADERFAMCSTSKVMAA
AAVLKKSESEPNLLNQRVEIKKSDLVNYNPIAEKHVNGTMSLAELSAAALQYSDNVAMNKLIAHVGGPASVTAFARQLGD
ETFRLDRTEPTLNTAIPGDPRDTTSPRAMAQTLRNLTLGKALGDSQRAQLVTWMKGNTTGAASIQAGLPASWVVGDKTGS
GGYGTTNDIAVIWPKDRAPLILVTYFTQPQPKAESRRDVLASAAKIVTDG
;
_entity_poly.pdbx_strand_id   A,B,C
#
loop_
_chem_comp.id
_chem_comp.type
_chem_comp.name
_chem_comp.formula
NW3 non-polymer '(2S,4S)-2-[(1S)-1-{[(2S)-2-amino-2-phenylacetyl]amino}-2-oxoethyl]-5,5-dimethyl-1,3-thiazolidine-4-carboxylic acid' 'C16 H21 N3 O4 S'
SO4 non-polymer 'SULFATE ION' 'O4 S -2'
#
# COMPACT_ATOMS: atom_id res chain seq x y z
N ALA A 31 27.72 -8.09 5.64
CA ALA A 31 28.80 -7.57 4.82
C ALA A 31 28.46 -7.81 3.37
N ASP A 32 27.54 -8.74 3.14
CA ASP A 32 27.12 -8.97 1.77
C ASP A 32 26.25 -7.82 1.26
N VAL A 33 25.29 -7.36 2.06
CA VAL A 33 24.34 -6.36 1.55
C VAL A 33 25.10 -5.19 0.92
N GLN A 34 26.16 -4.71 1.55
CA GLN A 34 26.97 -3.67 0.92
C GLN A 34 27.80 -4.20 -0.24
N GLN A 35 28.23 -5.46 -0.21
CA GLN A 35 28.89 -6.03 -1.38
C GLN A 35 27.94 -6.03 -2.57
N LYS A 36 26.69 -6.43 -2.35
CA LYS A 36 25.75 -6.50 -3.47
C LYS A 36 25.40 -5.12 -4.03
N LEU A 37 25.18 -4.11 -3.17
CA LEU A 37 24.88 -2.79 -3.70
C LEU A 37 26.02 -2.26 -4.55
N ALA A 38 27.27 -2.60 -4.20
CA ALA A 38 28.39 -2.08 -4.94
C ALA A 38 28.50 -2.69 -6.33
N GLU A 39 28.15 -3.96 -6.50
CA GLU A 39 28.16 -4.50 -7.86
C GLU A 39 27.00 -3.93 -8.68
N LEU A 40 25.79 -3.93 -8.10
CA LEU A 40 24.68 -3.25 -8.75
C LEU A 40 25.16 -1.92 -9.32
N GLU A 41 25.91 -1.19 -8.52
CA GLU A 41 26.40 0.11 -8.95
C GLU A 41 27.32 -0.05 -10.15
N ARG A 42 28.30 -0.95 -10.04
CA ARG A 42 29.18 -1.24 -11.16
C ARG A 42 28.42 -1.75 -12.38
N GLN A 43 27.78 -2.91 -12.25
CA GLN A 43 27.03 -3.43 -13.39
C GLN A 43 26.11 -2.37 -13.98
N SER A 44 25.46 -1.57 -13.14
CA SER A 44 24.62 -0.53 -13.71
C SER A 44 25.42 0.67 -14.21
N GLY A 45 26.74 0.71 -13.98
CA GLY A 45 27.55 1.84 -14.39
C GLY A 45 27.00 3.22 -14.02
N GLY A 46 26.97 3.54 -12.73
CA GLY A 46 26.47 4.82 -12.29
C GLY A 46 26.97 5.14 -10.91
N ARG A 47 26.28 6.06 -10.25
CA ARG A 47 26.51 6.38 -8.84
C ARG A 47 25.23 6.14 -8.09
N LEU A 48 25.27 5.35 -7.04
CA LEU A 48 24.07 4.89 -6.37
C LEU A 48 24.08 5.36 -4.94
N GLY A 49 22.99 5.95 -4.52
CA GLY A 49 22.94 6.36 -3.13
C GLY A 49 21.79 5.68 -2.44
N VAL A 50 21.92 5.17 -1.23
CA VAL A 50 20.83 4.42 -0.60
C VAL A 50 20.81 4.74 0.87
N ALA A 51 19.62 4.94 1.40
CA ALA A 51 19.42 5.03 2.84
C ALA A 51 18.13 4.33 3.18
N LEU A 52 18.23 3.24 3.95
CA LEU A 52 17.09 2.55 4.49
C LEU A 52 17.03 2.80 6.00
N ILE A 53 15.82 2.98 6.51
CA ILE A 53 15.59 3.05 7.94
C ILE A 53 14.57 1.98 8.25
N ASN A 54 14.95 1.00 9.09
CA ASN A 54 13.99 0.04 9.60
C ASN A 54 13.44 0.57 10.92
N THR A 55 12.17 0.99 10.95
CA THR A 55 11.66 1.54 12.20
C THR A 55 11.40 0.45 13.24
N ALA A 56 11.55 -0.81 12.85
CA ALA A 56 11.41 -1.88 13.84
C ALA A 56 12.51 -1.84 14.88
N ASP A 57 13.71 -1.48 14.48
CA ASP A 57 14.80 -1.48 15.43
C ASP A 57 15.68 -0.27 15.09
N ASN A 58 15.19 0.65 14.26
CA ASN A 58 15.93 1.85 13.89
C ASN A 58 17.29 1.52 13.31
N SER A 59 17.42 0.31 12.80
CA SER A 59 18.61 0.07 12.00
C SER A 59 18.56 0.88 10.71
N GLN A 60 19.72 1.04 10.11
CA GLN A 60 19.84 1.71 8.84
C GLN A 60 20.73 0.89 7.96
N ILE A 61 20.46 0.95 6.67
CA ILE A 61 21.43 0.54 5.65
C ILE A 61 21.78 1.78 4.83
N LEU A 62 23.07 2.05 4.73
CA LEU A 62 23.60 3.24 4.07
C LEU A 62 24.59 2.85 3.00
N TYR A 63 24.45 3.49 1.85
CA TYR A 63 25.38 3.35 0.73
C TYR A 63 25.54 4.74 0.15
N ARG A 64 26.74 5.30 0.27
CA ARG A 64 26.96 6.70 -0.14
C ARG A 64 25.89 7.59 0.46
N ALA A 65 25.46 7.28 1.68
CA ALA A 65 24.31 7.98 2.24
C ALA A 65 24.63 9.41 2.61
N ASP A 66 25.87 9.82 2.54
CA ASP A 66 26.22 11.20 2.83
C ASP A 66 26.73 11.94 1.59
N GLU A 67 26.62 11.34 0.42
CA GLU A 67 26.95 12.03 -0.83
C GLU A 67 25.73 12.81 -1.24
N ARG A 68 25.95 13.89 -2.00
CA ARG A 68 24.87 14.71 -2.53
C ARG A 68 24.38 14.12 -3.85
N PHE A 69 23.09 14.21 -4.06
CA PHE A 69 22.43 13.68 -5.25
C PHE A 69 21.40 14.74 -5.64
N ALA A 70 21.26 14.97 -6.94
CA ALA A 70 20.21 15.81 -7.48
C ALA A 70 18.90 15.20 -7.13
N MET A 71 18.10 15.96 -6.40
CA MET A 71 16.82 15.42 -5.98
C MET A 71 15.87 15.17 -7.16
N CYS A 72 15.79 16.10 -8.09
CA CYS A 72 14.82 16.03 -9.19
C CYS A 72 13.46 16.10 -8.53
N SER A 73 12.45 15.42 -9.05
CA SER A 73 11.11 15.52 -8.48
C SER A 73 10.89 14.95 -7.07
N THR A 74 11.80 14.14 -6.53
CA THR A 74 11.58 13.73 -5.14
C THR A 74 11.56 14.97 -4.24
N SER A 75 12.09 16.10 -4.71
CA SER A 75 11.98 17.34 -3.96
C SER A 75 10.55 17.79 -3.79
N LYS A 76 9.61 17.35 -4.62
CA LYS A 76 8.22 17.78 -4.45
C LYS A 76 7.67 17.42 -3.08
N VAL A 77 8.23 16.40 -2.42
CA VAL A 77 7.71 16.06 -1.11
C VAL A 77 7.99 17.19 -0.12
N MET A 78 9.14 17.85 -0.24
CA MET A 78 9.44 18.92 0.71
C MET A 78 8.61 20.15 0.43
N ALA A 79 8.29 20.39 -0.84
CA ALA A 79 7.44 21.54 -1.15
C ALA A 79 6.03 21.31 -0.66
N ALA A 80 5.48 20.13 -0.90
CA ALA A 80 4.13 19.81 -0.40
C ALA A 80 4.08 19.84 1.11
N ALA A 81 5.15 19.37 1.76
CA ALA A 81 5.23 19.38 3.21
C ALA A 81 5.30 20.80 3.74
N ALA A 82 6.10 21.65 3.10
CA ALA A 82 6.21 23.04 3.54
C ALA A 82 4.85 23.74 3.52
N VAL A 83 4.05 23.46 2.50
CA VAL A 83 2.71 24.05 2.43
C VAL A 83 1.83 23.52 3.57
N LEU A 84 1.80 22.19 3.73
CA LEU A 84 1.05 21.55 4.82
C LEU A 84 1.40 22.14 6.17
N LYS A 85 2.69 22.32 6.42
CA LYS A 85 3.11 22.93 7.67
C LYS A 85 2.49 24.29 7.84
N LYS A 86 2.60 25.13 6.81
CA LYS A 86 1.96 26.44 6.80
C LYS A 86 0.49 26.35 7.16
N SER A 87 -0.23 25.44 6.50
CA SER A 87 -1.66 25.31 6.75
C SER A 87 -2.03 25.08 8.19
N GLU A 88 -1.06 24.63 9.01
CA GLU A 88 -1.38 24.35 10.40
C GLU A 88 -1.67 25.65 11.14
N SER A 89 -1.23 26.78 10.61
CA SER A 89 -1.46 28.11 11.16
C SER A 89 -2.13 29.02 10.15
N GLU A 90 -2.61 28.47 9.03
CA GLU A 90 -3.46 29.13 8.06
C GLU A 90 -4.59 28.14 7.79
N PRO A 91 -5.65 28.15 8.63
CA PRO A 91 -6.54 26.97 8.71
C PRO A 91 -6.85 26.38 7.35
N ASN A 92 -7.56 27.15 6.52
CA ASN A 92 -7.94 26.71 5.18
C ASN A 92 -6.94 27.14 4.11
N LEU A 93 -5.64 27.08 4.38
CA LEU A 93 -4.68 27.40 3.33
C LEU A 93 -4.83 26.46 2.15
N LEU A 94 -5.15 25.19 2.41
CA LEU A 94 -5.23 24.22 1.33
C LEU A 94 -6.37 24.51 0.36
N ASN A 95 -7.26 25.43 0.72
CA ASN A 95 -8.42 25.69 -0.12
C ASN A 95 -8.23 26.94 -0.95
N GLN A 96 -7.17 27.71 -0.70
CA GLN A 96 -6.90 28.90 -1.48
C GLN A 96 -6.76 28.53 -2.94
N ARG A 97 -7.38 29.34 -3.80
CA ARG A 97 -7.33 29.10 -5.23
C ARG A 97 -6.09 29.73 -5.85
N VAL A 98 -5.55 29.06 -6.85
CA VAL A 98 -4.33 29.48 -7.52
C VAL A 98 -4.64 29.42 -9.00
N GLU A 99 -4.40 30.52 -9.72
CA GLU A 99 -4.70 30.61 -11.15
C GLU A 99 -3.68 29.80 -11.94
N ILE A 100 -4.17 29.03 -12.90
CA ILE A 100 -3.29 28.36 -13.87
C ILE A 100 -3.36 29.18 -15.17
N LYS A 101 -2.24 29.72 -15.62
CA LYS A 101 -2.14 30.52 -16.83
C LYS A 101 -1.42 29.68 -17.87
N LYS A 102 -1.86 29.83 -19.13
CA LYS A 102 -1.20 29.19 -20.26
C LYS A 102 0.28 29.44 -20.21
N SER A 103 0.66 30.61 -19.70
CA SER A 103 2.07 30.93 -19.61
C SER A 103 2.77 30.04 -18.61
N ASP A 104 2.05 29.59 -17.59
CA ASP A 104 2.65 28.76 -16.55
C ASP A 104 3.10 27.39 -17.05
N LEU A 105 2.58 26.90 -18.16
CA LEU A 105 2.81 25.49 -18.49
C LEU A 105 4.28 25.33 -18.79
N VAL A 106 4.83 24.20 -18.40
CA VAL A 106 6.23 23.90 -18.70
C VAL A 106 6.29 22.62 -19.53
N ASN A 107 7.22 21.74 -19.19
CA ASN A 107 7.37 20.53 -20.01
C ASN A 107 6.45 19.40 -19.65
N TYR A 108 6.00 19.32 -18.41
CA TYR A 108 5.20 18.20 -17.99
C TYR A 108 4.09 18.69 -17.09
N ASN A 109 2.85 18.68 -17.59
CA ASN A 109 1.76 19.44 -16.99
C ASN A 109 0.47 18.62 -17.03
N PRO A 110 0.50 17.34 -16.69
CA PRO A 110 -0.65 16.49 -17.02
C PRO A 110 -1.92 16.90 -16.34
N ILE A 111 -1.86 17.52 -15.18
CA ILE A 111 -3.10 17.91 -14.49
C ILE A 111 -3.39 19.41 -14.68
N ALA A 112 -2.38 20.26 -14.53
CA ALA A 112 -2.62 21.69 -14.68
C ALA A 112 -3.14 22.03 -16.07
N GLU A 113 -2.65 21.32 -17.09
CA GLU A 113 -3.13 21.57 -18.43
C GLU A 113 -4.64 21.54 -18.55
N LYS A 114 -5.34 20.93 -17.60
CA LYS A 114 -6.79 20.83 -17.70
C LYS A 114 -7.50 21.98 -17.02
N HIS A 115 -6.72 22.92 -16.50
CA HIS A 115 -7.26 24.01 -15.72
C HIS A 115 -6.76 25.38 -16.13
N VAL A 116 -6.08 25.46 -17.26
CA VAL A 116 -5.66 26.74 -17.78
C VAL A 116 -6.83 27.74 -17.86
N ASN A 117 -6.55 28.97 -17.47
CA ASN A 117 -7.58 30.00 -17.27
C ASN A 117 -8.69 29.44 -16.38
N GLY A 118 -8.30 28.57 -15.45
CA GLY A 118 -9.11 28.23 -14.28
C GLY A 118 -8.25 28.24 -13.05
N THR A 119 -8.66 27.54 -11.99
CA THR A 119 -7.85 27.53 -10.78
C THR A 119 -7.56 26.11 -10.34
N MET A 120 -6.63 25.98 -9.42
CA MET A 120 -6.51 24.80 -8.58
C MET A 120 -6.21 25.19 -7.13
N SER A 121 -6.84 24.46 -6.21
CA SER A 121 -6.55 24.66 -4.80
C SER A 121 -5.11 24.26 -4.49
N LEU A 122 -4.57 24.72 -3.37
CA LEU A 122 -3.26 24.21 -2.93
C LEU A 122 -3.29 22.70 -2.68
N ALA A 123 -4.43 22.17 -2.24
CA ALA A 123 -4.57 20.73 -2.04
C ALA A 123 -4.48 19.99 -3.35
N GLU A 124 -5.12 20.56 -4.39
CA GLU A 124 -5.12 19.95 -5.71
C GLU A 124 -3.75 20.02 -6.35
N LEU A 125 -3.05 21.12 -6.10
CA LEU A 125 -1.70 21.25 -6.62
C LEU A 125 -0.75 20.29 -5.91
N SER A 126 -0.95 20.05 -4.60
CA SER A 126 -0.12 19.10 -3.85
C SER A 126 -0.32 17.67 -4.38
N ALA A 127 -1.58 17.24 -4.45
CA ALA A 127 -1.90 15.95 -5.09
C ALA A 127 -1.29 15.87 -6.48
N ALA A 128 -1.50 16.89 -7.29
CA ALA A 128 -1.03 16.75 -8.65
C ALA A 128 0.48 16.68 -8.71
N ALA A 129 1.17 17.40 -7.84
CA ALA A 129 2.62 17.37 -7.86
C ALA A 129 3.15 16.02 -7.38
N LEU A 130 2.52 15.49 -6.33
CA LEU A 130 3.02 14.29 -5.68
C LEU A 130 2.62 13.03 -6.42
N GLN A 131 1.44 13.02 -7.02
CA GLN A 131 0.83 11.81 -7.55
C GLN A 131 1.00 11.63 -9.05
N TYR A 132 1.19 12.73 -9.81
CA TYR A 132 1.44 12.73 -11.26
C TYR A 132 2.73 13.44 -11.58
N SER A 133 3.41 13.98 -10.58
CA SER A 133 4.64 14.69 -10.81
C SER A 133 4.42 15.89 -11.72
N ASP A 134 3.28 16.57 -11.56
CA ASP A 134 2.98 17.75 -12.39
C ASP A 134 3.98 18.85 -12.07
N ASN A 135 4.66 19.39 -13.09
CA ASN A 135 5.72 20.38 -12.83
C ASN A 135 5.15 21.80 -12.61
N VAL A 136 4.02 22.15 -13.22
CA VAL A 136 3.36 23.43 -12.87
C VAL A 136 2.99 23.44 -11.39
N ALA A 137 2.43 22.32 -10.91
CA ALA A 137 2.02 22.25 -9.50
C ALA A 137 3.18 22.58 -8.56
N MET A 138 4.33 21.96 -8.80
CA MET A 138 5.51 22.23 -8.00
C MET A 138 5.80 23.71 -7.96
N ASN A 139 5.92 24.31 -9.15
CA ASN A 139 6.16 25.75 -9.25
C ASN A 139 5.17 26.54 -8.42
N LYS A 140 3.88 26.19 -8.50
CA LYS A 140 2.90 26.86 -7.64
C LYS A 140 3.21 26.62 -6.17
N LEU A 141 3.58 25.38 -5.79
CA LEU A 141 3.92 25.16 -4.39
C LEU A 141 5.07 26.07 -4.03
N ILE A 142 6.16 26.04 -4.81
CA ILE A 142 7.32 26.87 -4.52
C ILE A 142 6.89 28.31 -4.36
N ALA A 143 6.05 28.77 -5.29
CA ALA A 143 5.58 30.16 -5.21
C ALA A 143 4.96 30.46 -3.85
N HIS A 144 4.05 29.60 -3.40
CA HIS A 144 3.28 30.03 -2.24
C HIS A 144 4.00 29.84 -0.92
N VAL A 145 5.18 29.23 -0.89
CA VAL A 145 5.96 29.22 0.35
C VAL A 145 7.03 30.31 0.38
N GLY A 146 7.36 30.92 -0.74
CA GLY A 146 8.29 32.03 -0.72
C GLY A 146 9.50 31.85 -1.61
N GLY A 147 9.50 30.84 -2.47
CA GLY A 147 10.63 30.63 -3.33
C GLY A 147 11.43 29.43 -2.83
N PRO A 148 12.42 28.96 -3.59
CA PRO A 148 13.15 27.76 -3.19
C PRO A 148 13.94 27.94 -1.90
N ALA A 149 14.42 29.15 -1.62
CA ALA A 149 15.18 29.34 -0.39
C ALA A 149 14.33 29.08 0.85
N SER A 150 13.04 29.37 0.79
CA SER A 150 12.22 29.17 1.98
CA SER A 150 12.17 29.17 1.94
C SER A 150 11.76 27.72 2.11
N VAL A 151 11.59 27.00 1.00
CA VAL A 151 11.43 25.55 1.10
C VAL A 151 12.61 24.98 1.85
N THR A 152 13.82 25.35 1.41
CA THR A 152 15.03 25.04 2.16
C THR A 152 14.93 25.47 3.60
N ALA A 153 14.45 26.68 3.84
CA ALA A 153 14.32 27.14 5.21
C ALA A 153 13.40 26.22 6.00
N PHE A 154 12.41 25.64 5.34
CA PHE A 154 11.53 24.73 6.04
C PHE A 154 12.27 23.45 6.41
N ALA A 155 13.10 22.96 5.49
CA ALA A 155 13.96 21.82 5.80
C ALA A 155 14.78 22.08 7.03
N ARG A 156 15.36 23.28 7.13
CA ARG A 156 16.16 23.59 8.31
C ARG A 156 15.31 23.58 9.57
N GLN A 157 14.06 24.04 9.48
CA GLN A 157 13.18 23.99 10.63
C GLN A 157 13.04 22.59 11.21
N LEU A 158 13.27 21.60 10.36
CA LEU A 158 13.08 20.16 10.55
C LEU A 158 14.37 19.50 11.01
N GLY A 159 15.45 20.27 11.12
CA GLY A 159 16.72 19.67 11.44
C GLY A 159 17.48 19.15 10.24
N ASP A 160 16.95 19.32 9.03
CA ASP A 160 17.65 18.86 7.84
C ASP A 160 18.55 19.99 7.37
N GLU A 161 19.85 19.80 7.54
CA GLU A 161 20.87 20.76 7.18
C GLU A 161 21.51 20.47 5.85
N THR A 162 20.98 19.50 5.13
CA THR A 162 21.58 19.04 3.90
C THR A 162 20.77 19.42 2.68
N PHE A 163 19.45 19.35 2.81
CA PHE A 163 18.53 19.67 1.74
C PHE A 163 18.75 21.13 1.31
N ARG A 164 18.76 21.36 0.01
CA ARG A 164 18.84 22.68 -0.58
C ARG A 164 18.08 22.69 -1.89
N LEU A 165 17.04 23.50 -1.97
CA LEU A 165 16.32 23.70 -3.20
C LEU A 165 16.80 25.04 -3.69
N ASP A 166 17.35 25.07 -4.90
CA ASP A 166 17.85 26.30 -5.49
C ASP A 166 17.13 26.79 -6.76
N ARG A 167 16.34 25.97 -7.43
CA ARG A 167 15.76 26.39 -8.71
C ARG A 167 14.31 25.92 -8.81
N THR A 168 13.66 26.34 -9.87
CA THR A 168 12.26 26.06 -10.14
C THR A 168 12.14 24.99 -11.24
N GLU A 169 10.93 24.58 -11.49
CA GLU A 169 10.73 23.65 -12.59
C GLU A 169 10.78 24.37 -13.93
N PRO A 170 11.38 23.77 -14.96
CA PRO A 170 11.96 22.42 -15.01
C PRO A 170 13.44 22.34 -14.73
N THR A 171 14.14 23.45 -14.57
CA THR A 171 15.60 23.38 -14.56
C THR A 171 16.16 22.69 -13.31
N LEU A 172 15.39 22.53 -12.25
CA LEU A 172 15.99 21.88 -11.10
C LEU A 172 16.31 20.42 -11.31
N ASN A 173 16.09 19.86 -12.49
CA ASN A 173 16.34 18.45 -12.72
C ASN A 173 17.61 18.21 -13.51
N THR A 174 18.48 19.21 -13.66
CA THR A 174 19.59 19.01 -14.58
C THR A 174 20.55 17.94 -14.10
N ALA A 175 20.70 17.78 -12.78
CA ALA A 175 21.50 16.71 -12.18
C ALA A 175 22.88 16.64 -12.82
N ILE A 176 23.40 17.80 -13.21
CA ILE A 176 24.79 17.89 -13.67
C ILE A 176 25.71 17.41 -12.57
N PRO A 177 26.72 16.60 -12.86
CA PRO A 177 27.57 16.06 -11.80
C PRO A 177 28.44 17.14 -11.19
N GLY A 178 28.75 16.98 -9.90
CA GLY A 178 29.51 17.94 -9.17
C GLY A 178 28.75 19.21 -8.82
N ASP A 179 27.62 19.49 -9.48
CA ASP A 179 26.78 20.61 -9.12
C ASP A 179 26.04 20.29 -7.81
N PRO A 180 25.88 21.28 -6.91
CA PRO A 180 25.22 21.00 -5.63
C PRO A 180 23.81 21.56 -5.57
N ARG A 181 23.40 22.33 -6.57
CA ARG A 181 22.07 22.90 -6.53
C ARG A 181 21.04 21.79 -6.47
N ASP A 182 19.97 22.05 -5.75
CA ASP A 182 18.83 21.16 -5.75
C ASP A 182 19.24 19.73 -5.36
N THR A 183 20.11 19.60 -4.35
CA THR A 183 20.56 18.29 -3.90
C THR A 183 20.28 18.06 -2.42
N THR A 184 20.40 16.80 -2.03
CA THR A 184 20.47 16.40 -0.62
C THR A 184 21.24 15.09 -0.57
N SER A 185 21.26 14.48 0.64
CA SER A 185 21.97 13.23 0.82
C SER A 185 20.96 12.16 1.15
N PRO A 186 21.20 10.91 0.80
CA PRO A 186 20.23 9.84 1.15
C PRO A 186 19.92 9.84 2.65
N ARG A 187 20.95 9.97 3.47
CA ARG A 187 20.69 9.92 4.91
C ARG A 187 19.74 11.02 5.33
N ALA A 188 20.03 12.24 4.94
CA ALA A 188 19.21 13.35 5.39
C ALA A 188 17.80 13.25 4.87
N MET A 189 17.60 12.87 3.62
CA MET A 189 16.21 12.73 3.21
C MET A 189 15.46 11.52 3.75
N ALA A 190 16.09 10.40 4.08
CA ALA A 190 15.35 9.36 4.79
C ALA A 190 14.96 9.84 6.19
N GLN A 191 15.90 10.42 6.93
CA GLN A 191 15.48 10.94 8.22
C GLN A 191 14.34 11.92 8.08
N THR A 192 14.49 12.92 7.19
CA THR A 192 13.42 13.88 6.99
C THR A 192 12.12 13.22 6.60
N LEU A 193 12.13 12.35 5.59
CA LEU A 193 10.89 11.66 5.21
C LEU A 193 10.26 10.85 6.36
N ARG A 194 11.09 10.24 7.22
CA ARG A 194 10.51 9.61 8.43
C ARG A 194 9.87 10.66 9.34
N ASN A 195 10.60 11.71 9.66
CA ASN A 195 9.97 12.79 10.43
C ASN A 195 8.63 13.24 9.83
N LEU A 196 8.50 13.27 8.51
CA LEU A 196 7.30 13.89 7.90
C LEU A 196 6.14 12.88 7.83
N THR A 197 6.44 11.66 7.41
CA THR A 197 5.36 10.67 7.26
C THR A 197 5.07 9.87 8.51
N LEU A 198 6.02 9.74 9.42
CA LEU A 198 5.78 8.94 10.63
C LEU A 198 5.98 9.70 11.92
N GLY A 199 7.03 10.54 11.98
CA GLY A 199 7.24 11.40 13.12
C GLY A 199 6.26 12.54 13.24
N LYS A 200 6.70 13.60 13.93
CA LYS A 200 5.84 14.71 14.31
C LYS A 200 6.34 16.03 13.71
N ALA A 201 6.99 16.01 12.55
CA ALA A 201 7.26 17.25 11.83
C ALA A 201 6.00 18.04 11.51
N LEU A 202 4.90 17.33 11.28
CA LEU A 202 3.59 17.88 10.91
C LEU A 202 2.59 17.43 11.96
N GLY A 203 1.50 18.14 12.05
CA GLY A 203 0.45 17.74 12.95
C GLY A 203 -0.17 16.47 12.44
N ASP A 204 -1.03 15.87 13.26
CA ASP A 204 -1.56 14.57 12.88
C ASP A 204 -2.31 14.65 11.54
N SER A 205 -3.08 15.72 11.34
CA SER A 205 -3.89 15.85 10.13
C SER A 205 -3.04 15.97 8.87
N GLN A 206 -2.02 16.80 8.93
CA GLN A 206 -1.17 17.02 7.79
C GLN A 206 -0.31 15.82 7.46
N ARG A 207 0.20 15.12 8.48
CA ARG A 207 0.92 13.89 8.26
CA ARG A 207 0.93 13.89 8.24
C ARG A 207 0.03 12.89 7.52
N ALA A 208 -1.21 12.73 8.00
CA ALA A 208 -2.12 11.80 7.33
C ALA A 208 -2.36 12.20 5.87
N GLN A 209 -2.44 13.49 5.61
CA GLN A 209 -2.69 13.93 4.24
C GLN A 209 -1.51 13.59 3.36
N LEU A 210 -0.30 13.85 3.84
CA LEU A 210 0.86 13.55 3.03
C LEU A 210 0.95 12.07 2.66
N VAL A 211 0.65 11.19 3.63
CA VAL A 211 0.70 9.75 3.43
C VAL A 211 -0.34 9.30 2.42
N THR A 212 -1.58 9.75 2.58
CA THR A 212 -2.59 9.47 1.57
C THR A 212 -2.18 9.92 0.18
N TRP A 213 -1.64 11.16 0.04
CA TRP A 213 -1.15 11.64 -1.26
C TRP A 213 -0.07 10.71 -1.79
N MET A 214 1.01 10.55 -1.04
CA MET A 214 2.08 9.67 -1.50
C MET A 214 1.55 8.25 -1.77
N LYS A 215 0.76 7.70 -0.85
CA LYS A 215 0.19 6.37 -1.10
C LYS A 215 -0.53 6.35 -2.45
N GLY A 216 -1.01 7.50 -2.91
CA GLY A 216 -1.70 7.57 -4.17
C GLY A 216 -0.85 7.85 -5.39
N ASN A 217 0.46 7.87 -5.26
CA ASN A 217 1.29 8.10 -6.44
C ASN A 217 0.96 7.12 -7.56
N THR A 218 0.99 7.64 -8.81
CA THR A 218 0.77 6.83 -10.00
C THR A 218 2.05 6.53 -10.76
N THR A 219 3.17 7.19 -10.42
CA THR A 219 4.42 7.14 -11.17
C THR A 219 5.44 6.14 -10.61
N GLY A 220 5.14 5.40 -9.54
CA GLY A 220 6.21 4.64 -8.84
C GLY A 220 6.31 3.15 -9.05
N ALA A 221 5.49 2.60 -9.95
CA ALA A 221 5.26 1.17 -10.01
C ALA A 221 6.52 0.45 -10.43
N ALA A 222 7.43 1.15 -11.11
CA ALA A 222 8.64 0.50 -11.59
C ALA A 222 9.91 0.84 -10.82
N SER A 223 9.81 1.55 -9.72
CA SER A 223 10.99 2.00 -9.01
C SER A 223 11.09 1.17 -7.70
N ILE A 224 11.16 1.81 -6.52
CA ILE A 224 11.31 1.05 -5.27
C ILE A 224 10.30 -0.06 -5.26
N GLN A 225 9.07 0.27 -5.67
CA GLN A 225 7.95 -0.66 -5.58
C GLN A 225 8.21 -1.99 -6.30
N ALA A 226 8.96 -1.93 -7.39
CA ALA A 226 9.08 -3.13 -8.20
C ALA A 226 10.07 -4.08 -7.58
N GLY A 227 10.81 -3.65 -6.55
CA GLY A 227 11.75 -4.49 -5.85
C GLY A 227 11.24 -5.03 -4.54
N LEU A 228 9.96 -4.96 -4.31
CA LEU A 228 9.34 -5.44 -3.10
C LEU A 228 8.23 -6.40 -3.44
N PRO A 229 7.87 -7.25 -2.48
CA PRO A 229 6.70 -8.12 -2.60
C PRO A 229 5.52 -7.28 -3.02
N ALA A 230 4.76 -7.79 -3.98
CA ALA A 230 3.65 -7.01 -4.46
C ALA A 230 2.65 -6.71 -3.35
N SER A 231 2.69 -7.42 -2.22
CA SER A 231 1.67 -7.27 -1.19
C SER A 231 1.93 -6.04 -0.32
N TRP A 232 3.14 -5.54 -0.29
CA TRP A 232 3.42 -4.41 0.59
C TRP A 232 2.87 -3.07 0.08
N VAL A 233 2.35 -2.26 1.02
CA VAL A 233 1.85 -0.92 0.71
C VAL A 233 3.00 0.06 0.66
N VAL A 234 3.01 0.91 -0.35
CA VAL A 234 4.11 1.84 -0.58
C VAL A 234 3.58 3.26 -0.80
N GLY A 235 4.17 4.24 -0.12
CA GLY A 235 3.93 5.62 -0.48
C GLY A 235 5.23 6.21 -0.93
N ASP A 236 5.28 6.67 -2.19
CA ASP A 236 6.58 7.01 -2.74
C ASP A 236 6.47 8.22 -3.64
N LYS A 237 7.60 8.86 -3.89
CA LYS A 237 7.67 9.98 -4.83
C LYS A 237 8.88 9.74 -5.72
N THR A 238 8.69 9.58 -7.02
CA THR A 238 9.82 9.36 -7.92
C THR A 238 10.47 10.70 -8.32
N GLY A 239 11.66 10.59 -8.87
CA GLY A 239 12.29 11.75 -9.47
C GLY A 239 13.11 11.30 -10.64
N SER A 240 13.25 12.18 -11.63
CA SER A 240 14.14 11.85 -12.72
C SER A 240 14.63 13.15 -13.30
N GLY A 241 15.76 13.10 -13.98
CA GLY A 241 16.34 14.30 -14.54
C GLY A 241 17.47 13.96 -15.47
N GLY A 242 18.29 14.97 -15.79
CA GLY A 242 19.38 14.76 -16.70
C GLY A 242 20.38 13.78 -16.16
N TYR A 243 21.32 13.42 -17.04
CA TYR A 243 22.37 12.44 -16.75
C TYR A 243 21.79 11.14 -16.20
N GLY A 244 20.65 10.71 -16.75
CA GLY A 244 20.13 9.40 -16.42
C GLY A 244 19.66 9.26 -14.99
N THR A 245 19.46 10.40 -14.32
CA THR A 245 19.21 10.44 -12.89
C THR A 245 17.83 9.90 -12.61
N THR A 246 17.76 8.86 -11.81
CA THR A 246 16.53 8.13 -11.54
C THR A 246 16.51 7.93 -10.04
N ASN A 247 15.50 8.49 -9.38
CA ASN A 247 15.42 8.55 -7.92
C ASN A 247 14.02 8.11 -7.48
N ASP A 248 13.90 7.75 -6.20
CA ASP A 248 12.63 7.35 -5.60
C ASP A 248 12.77 7.48 -4.10
N ILE A 249 11.73 7.86 -3.42
CA ILE A 249 11.86 7.98 -1.97
C ILE A 249 10.54 7.52 -1.45
N ALA A 250 10.55 6.65 -0.46
CA ALA A 250 9.34 5.92 -0.16
C ALA A 250 9.23 5.64 1.33
N VAL A 251 7.99 5.63 1.83
CA VAL A 251 7.67 5.00 3.10
C VAL A 251 6.96 3.70 2.76
N ILE A 252 7.29 2.58 3.46
CA ILE A 252 6.82 1.24 3.08
C ILE A 252 6.22 0.57 4.31
N TRP A 253 5.01 0.03 4.18
CA TRP A 253 4.32 -0.70 5.25
C TRP A 253 4.14 -2.17 4.86
N PRO A 254 5.07 -3.06 5.22
CA PRO A 254 4.90 -4.47 4.89
C PRO A 254 3.82 -5.09 5.77
N LYS A 255 3.21 -6.14 5.24
CA LYS A 255 2.20 -6.81 6.02
C LYS A 255 2.86 -7.32 7.28
N ASP A 256 2.23 -7.07 8.41
CA ASP A 256 2.62 -7.62 9.70
C ASP A 256 4.00 -7.16 10.17
N ARG A 257 4.49 -6.14 9.55
CA ARG A 257 5.78 -5.53 9.95
CA ARG A 257 5.82 -5.54 9.99
C ARG A 257 5.71 -3.93 10.29
N ALA A 258 6.82 -3.53 10.83
CA ALA A 258 6.97 -2.12 11.09
C ALA A 258 7.41 -1.43 9.81
N PRO A 259 7.06 -0.16 9.60
CA PRO A 259 7.36 0.46 8.31
C PRO A 259 8.84 0.70 8.13
N LEU A 260 9.21 0.87 6.86
CA LEU A 260 10.57 1.23 6.46
C LEU A 260 10.54 2.59 5.76
N ILE A 261 11.64 3.34 5.80
CA ILE A 261 11.83 4.53 4.98
C ILE A 261 12.97 4.17 4.07
N LEU A 262 12.79 4.26 2.74
CA LEU A 262 13.84 3.90 1.80
C LEU A 262 14.01 5.05 0.81
N VAL A 263 15.22 5.53 0.67
CA VAL A 263 15.63 6.53 -0.32
C VAL A 263 16.64 5.87 -1.23
N THR A 264 16.34 5.77 -2.54
CA THR A 264 17.28 5.32 -3.57
C THR A 264 17.48 6.44 -4.60
N TYR A 265 18.72 6.81 -4.81
CA TYR A 265 19.08 7.86 -5.75
C TYR A 265 20.08 7.26 -6.72
N PHE A 266 19.94 7.51 -8.03
CA PHE A 266 20.85 6.90 -9.00
C PHE A 266 21.12 7.89 -10.12
N THR A 267 22.39 8.07 -10.47
CA THR A 267 22.76 9.05 -11.48
C THR A 267 23.87 8.47 -12.33
N GLN A 268 24.07 9.04 -13.52
CA GLN A 268 24.97 8.44 -14.50
C GLN A 268 25.89 9.45 -15.15
N PRO A 269 26.99 8.98 -15.76
CA PRO A 269 27.98 9.92 -16.32
C PRO A 269 27.49 10.67 -17.54
N GLN A 270 26.98 9.94 -18.50
CA GLN A 270 26.70 10.63 -19.74
C GLN A 270 25.43 11.45 -19.59
N PRO A 271 25.38 12.66 -20.17
CA PRO A 271 24.17 13.47 -20.00
C PRO A 271 22.91 12.89 -20.64
N LYS A 272 23.03 12.06 -21.68
CA LYS A 272 21.87 11.58 -22.41
C LYS A 272 21.47 10.18 -21.96
N ALA A 273 22.06 9.69 -20.87
CA ALA A 273 21.75 8.36 -20.38
C ALA A 273 20.26 8.22 -20.12
N GLU A 274 19.73 7.01 -20.42
CA GLU A 274 18.32 6.74 -20.23
C GLU A 274 18.03 6.38 -18.77
N SER A 275 16.77 6.59 -18.39
CA SER A 275 16.37 6.28 -17.05
C SER A 275 16.58 4.79 -16.72
N ARG A 276 16.83 4.50 -15.46
CA ARG A 276 17.06 3.14 -15.01
C ARG A 276 16.26 2.96 -13.74
N ARG A 277 14.95 2.97 -13.87
CA ARG A 277 14.14 2.74 -12.69
C ARG A 277 14.41 1.35 -12.11
N ASP A 278 14.74 0.39 -12.97
CA ASP A 278 14.99 -0.98 -12.50
C ASP A 278 16.14 -1.02 -11.49
N VAL A 279 17.06 -0.08 -11.56
CA VAL A 279 18.17 -0.02 -10.62
C VAL A 279 17.65 0.29 -9.23
N LEU A 280 16.68 1.22 -9.14
CA LEU A 280 16.06 1.46 -7.84
C LEU A 280 15.31 0.25 -7.31
N ALA A 281 14.73 -0.53 -8.20
CA ALA A 281 14.01 -1.71 -7.80
C ALA A 281 14.95 -2.79 -7.28
N SER A 282 16.05 -3.04 -8.01
CA SER A 282 17.11 -3.95 -7.53
C SER A 282 17.69 -3.50 -6.19
N ALA A 283 17.95 -2.20 -6.05
CA ALA A 283 18.49 -1.66 -4.81
C ALA A 283 17.54 -1.89 -3.65
N ALA A 284 16.24 -1.66 -3.88
CA ALA A 284 15.24 -1.98 -2.87
C ALA A 284 15.19 -3.47 -2.57
N LYS A 285 15.38 -4.29 -3.58
CA LYS A 285 15.35 -5.72 -3.43
C LYS A 285 16.49 -6.16 -2.51
N ILE A 286 17.66 -5.65 -2.79
CA ILE A 286 18.86 -6.00 -2.04
C ILE A 286 18.74 -5.60 -0.58
N VAL A 287 18.22 -4.40 -0.30
CA VAL A 287 18.25 -3.93 1.08
C VAL A 287 17.05 -4.41 1.86
N THR A 288 16.04 -4.97 1.20
CA THR A 288 14.93 -5.58 1.90
C THR A 288 15.03 -7.11 2.01
N ASP A 289 16.05 -7.74 1.41
CA ASP A 289 16.20 -9.18 1.50
C ASP A 289 16.49 -9.56 2.94
N GLY A 290 15.55 -10.24 3.59
CA GLY A 290 15.70 -10.71 4.96
C GLY A 290 14.85 -9.89 5.93
N ALA B 31 2.51 15.25 30.31
CA ALA B 31 2.33 14.14 31.24
C ALA B 31 0.90 14.10 31.71
N ASP B 32 -0.04 14.39 30.80
CA ASP B 32 -1.45 14.23 31.11
C ASP B 32 -1.88 12.78 31.06
N VAL B 33 -1.39 12.03 30.07
CA VAL B 33 -1.62 10.60 30.05
C VAL B 33 -1.01 9.99 31.31
N GLN B 34 0.08 10.57 31.81
CA GLN B 34 0.68 10.12 33.07
C GLN B 34 -0.20 10.44 34.25
N GLN B 35 -0.99 11.50 34.15
CA GLN B 35 -1.97 11.78 35.16
C GLN B 35 -3.11 10.79 35.07
N LYS B 36 -3.44 10.37 33.85
CA LYS B 36 -4.55 9.44 33.67
C LYS B 36 -4.17 8.05 34.16
N LEU B 37 -2.96 7.58 33.80
CA LEU B 37 -2.48 6.30 34.31
C LEU B 37 -2.43 6.30 35.83
N ALA B 38 -1.82 7.34 36.40
CA ALA B 38 -1.76 7.44 37.85
C ALA B 38 -3.16 7.35 38.44
N GLU B 39 -4.11 8.06 37.86
CA GLU B 39 -5.46 8.03 38.43
C GLU B 39 -6.06 6.63 38.35
N LEU B 40 -5.88 5.94 37.22
CA LEU B 40 -6.45 4.60 37.10
C LEU B 40 -5.88 3.69 38.17
N GLU B 41 -4.56 3.75 38.38
CA GLU B 41 -3.94 2.99 39.47
C GLU B 41 -4.60 3.30 40.81
N ARG B 42 -4.75 4.59 41.11
CA ARG B 42 -5.43 5.01 42.32
C ARG B 42 -6.75 4.29 42.50
N GLN B 43 -7.66 4.45 41.53
CA GLN B 43 -8.96 3.82 41.64
C GLN B 43 -8.87 2.30 41.63
N SER B 44 -7.69 1.75 41.37
CA SER B 44 -7.61 0.34 41.02
C SER B 44 -7.33 -0.57 42.20
N GLY B 45 -6.85 -0.03 43.32
CA GLY B 45 -6.36 -0.85 44.40
C GLY B 45 -5.05 -1.55 44.14
N GLY B 46 -4.52 -1.49 42.92
CA GLY B 46 -3.37 -2.30 42.60
C GLY B 46 -2.16 -1.49 42.20
N ARG B 47 -1.19 -2.20 41.62
CA ARG B 47 0.04 -1.60 41.15
C ARG B 47 0.17 -1.88 39.67
N LEU B 48 0.26 -0.80 38.87
CA LEU B 48 0.19 -0.91 37.42
C LEU B 48 1.55 -0.63 36.78
N GLY B 49 1.85 -1.42 35.74
CA GLY B 49 3.03 -1.24 34.93
C GLY B 49 2.70 -1.15 33.45
N VAL B 50 3.12 -0.05 32.84
CA VAL B 50 2.85 0.16 31.43
C VAL B 50 4.15 0.57 30.76
N ALA B 51 4.43 -0.06 29.62
CA ALA B 51 5.45 0.39 28.68
C ALA B 51 4.82 0.33 27.29
N LEU B 52 4.79 1.46 26.60
CA LEU B 52 4.28 1.56 25.23
C LEU B 52 5.42 2.06 24.36
N ILE B 53 5.69 1.36 23.26
CA ILE B 53 6.67 1.78 22.26
C ILE B 53 5.93 2.04 20.97
N ASN B 54 6.15 3.22 20.39
CA ASN B 54 5.58 3.59 19.11
C ASN B 54 6.68 3.59 18.06
N THR B 55 6.62 2.63 17.14
CA THR B 55 7.74 2.49 16.22
C THR B 55 7.76 3.59 15.16
N ALA B 56 6.67 4.34 15.04
CA ALA B 56 6.67 5.51 14.15
C ALA B 56 7.90 6.36 14.39
N ASP B 57 8.02 6.92 15.60
CA ASP B 57 9.08 7.87 15.95
C ASP B 57 9.85 7.41 17.17
N ASN B 58 9.67 6.16 17.57
CA ASN B 58 10.30 5.60 18.75
C ASN B 58 9.94 6.39 20.00
N SER B 59 8.78 7.04 20.00
CA SER B 59 8.25 7.60 21.23
C SER B 59 7.76 6.46 22.12
N GLN B 60 7.87 6.70 23.42
CA GLN B 60 7.44 5.71 24.38
C GLN B 60 6.68 6.41 25.48
N ILE B 61 5.81 5.65 26.14
CA ILE B 61 5.18 6.06 27.40
C ILE B 61 5.51 4.98 28.41
N LEU B 62 5.95 5.37 29.60
CA LEU B 62 6.40 4.48 30.66
C LEU B 62 5.71 4.84 31.98
N TYR B 63 5.33 3.81 32.75
CA TYR B 63 4.68 3.98 34.05
C TYR B 63 5.14 2.76 34.85
N ARG B 64 6.04 2.98 35.81
CA ARG B 64 6.64 1.92 36.60
C ARG B 64 7.34 0.91 35.71
N ALA B 65 7.76 1.34 34.54
CA ALA B 65 8.20 0.42 33.51
C ALA B 65 9.52 -0.27 33.87
N ASP B 66 10.17 0.15 34.93
CA ASP B 66 11.36 -0.52 35.39
C ASP B 66 11.12 -1.31 36.67
N GLU B 67 9.87 -1.38 37.16
CA GLU B 67 9.53 -2.18 38.33
C GLU B 67 9.28 -3.62 37.88
N ARG B 68 9.59 -4.55 38.76
CA ARG B 68 9.41 -5.96 38.43
C ARG B 68 7.97 -6.36 38.70
N PHE B 69 7.44 -7.19 37.83
CA PHE B 69 6.12 -7.77 37.95
C PHE B 69 6.23 -9.26 37.63
N ALA B 70 5.34 -10.05 38.21
CA ALA B 70 5.31 -11.47 37.88
C ALA B 70 4.70 -11.59 36.51
N MET B 71 5.32 -12.39 35.63
CA MET B 71 4.87 -12.38 34.25
C MET B 71 3.58 -13.19 34.06
N CYS B 72 3.37 -14.23 34.84
CA CYS B 72 2.39 -15.27 34.53
C CYS B 72 2.46 -15.66 33.09
N SER B 73 1.35 -16.09 32.51
CA SER B 73 1.49 -16.61 31.14
C SER B 73 2.16 -15.73 30.08
N THR B 74 2.35 -14.42 30.29
CA THR B 74 3.06 -13.65 29.27
C THR B 74 4.47 -14.21 29.07
N SER B 75 4.95 -15.03 30.01
CA SER B 75 6.23 -15.69 29.78
C SER B 75 6.13 -16.69 28.63
N LYS B 76 4.93 -17.07 28.22
CA LYS B 76 4.80 -18.11 27.22
C LYS B 76 5.31 -17.65 25.88
N VAL B 77 5.33 -16.33 25.64
CA VAL B 77 5.85 -15.80 24.40
C VAL B 77 7.33 -16.09 24.33
N MET B 78 8.02 -15.93 25.47
CA MET B 78 9.45 -16.16 25.46
C MET B 78 9.77 -17.63 25.20
N ALA B 79 8.98 -18.55 25.79
CA ALA B 79 9.25 -19.99 25.61
C ALA B 79 9.02 -20.42 24.18
N ALA B 80 7.92 -19.95 23.57
CA ALA B 80 7.62 -20.27 22.18
C ALA B 80 8.63 -19.63 21.24
N ALA B 81 9.15 -18.45 21.57
CA ALA B 81 10.16 -17.85 20.71
C ALA B 81 11.49 -18.58 20.83
N ALA B 82 11.78 -19.14 22.03
CA ALA B 82 12.99 -19.95 22.21
C ALA B 82 12.95 -21.14 21.28
N VAL B 83 11.82 -21.80 21.22
CA VAL B 83 11.67 -22.91 20.30
C VAL B 83 11.86 -22.44 18.86
N LEU B 84 11.20 -21.33 18.48
CA LEU B 84 11.29 -20.80 17.12
C LEU B 84 12.74 -20.55 16.77
N LYS B 85 13.49 -19.99 17.72
CA LYS B 85 14.90 -19.72 17.47
C LYS B 85 15.64 -21.02 17.19
N LYS B 86 15.38 -22.05 18.01
CA LYS B 86 16.01 -23.34 17.77
C LYS B 86 15.67 -23.83 16.38
N SER B 87 14.42 -23.62 15.93
CA SER B 87 13.98 -24.07 14.63
C SER B 87 14.75 -23.45 13.46
N GLU B 88 15.47 -22.34 13.68
CA GLU B 88 16.22 -21.76 12.56
C GLU B 88 17.41 -22.65 12.21
N SER B 89 17.92 -23.39 13.20
CA SER B 89 19.07 -24.28 13.06
C SER B 89 18.70 -25.75 12.91
N GLU B 90 17.44 -26.09 13.12
CA GLU B 90 16.95 -27.46 13.13
C GLU B 90 15.76 -27.48 12.19
N PRO B 91 16.00 -27.68 10.88
CA PRO B 91 14.93 -27.44 9.90
C PRO B 91 13.50 -27.67 10.35
N ASN B 92 12.98 -28.88 10.35
CA ASN B 92 11.54 -29.01 10.57
C ASN B 92 11.24 -29.38 12.02
N LEU B 93 11.87 -28.61 12.89
CA LEU B 93 11.73 -28.80 14.33
C LEU B 93 10.27 -28.77 14.75
N LEU B 94 9.49 -27.85 14.20
CA LEU B 94 8.12 -27.76 14.68
C LEU B 94 7.28 -28.98 14.35
N ASN B 95 7.80 -29.91 13.52
CA ASN B 95 7.05 -31.12 13.23
C ASN B 95 7.23 -32.17 14.35
N GLN B 96 8.27 -32.00 15.18
CA GLN B 96 8.65 -32.99 16.18
C GLN B 96 7.51 -33.25 17.14
N ARG B 97 7.25 -34.50 17.46
CA ARG B 97 6.15 -34.85 18.33
C ARG B 97 6.62 -34.86 19.77
N VAL B 98 5.69 -34.54 20.67
CA VAL B 98 5.94 -34.49 22.10
C VAL B 98 4.84 -35.28 22.82
N GLU B 99 5.22 -36.22 23.66
CA GLU B 99 4.27 -37.14 24.25
C GLU B 99 3.50 -36.48 25.38
N ILE B 100 2.19 -36.69 25.38
CA ILE B 100 1.33 -36.14 26.42
C ILE B 100 0.81 -37.30 27.25
N LYS B 101 1.15 -37.34 28.55
CA LYS B 101 0.68 -38.37 29.48
C LYS B 101 -0.31 -37.76 30.47
N LYS B 102 -1.25 -38.57 30.97
CA LYS B 102 -2.26 -38.09 31.91
C LYS B 102 -1.59 -37.42 33.11
N SER B 103 -0.42 -37.92 33.51
CA SER B 103 0.27 -37.36 34.67
C SER B 103 0.80 -35.97 34.35
N ASP B 104 0.86 -35.59 33.07
CA ASP B 104 1.28 -34.22 32.76
C ASP B 104 0.23 -33.18 33.12
N LEU B 105 -1.03 -33.58 33.18
CA LEU B 105 -2.10 -32.58 33.24
C LEU B 105 -1.99 -31.75 34.51
N VAL B 106 -2.32 -30.47 34.39
CA VAL B 106 -2.46 -29.53 35.48
C VAL B 106 -3.88 -29.00 35.37
N ASN B 107 -4.19 -27.88 36.01
CA ASN B 107 -5.61 -27.54 36.12
C ASN B 107 -6.09 -26.82 34.84
N TYR B 108 -5.18 -26.33 34.00
CA TYR B 108 -5.61 -25.68 32.77
C TYR B 108 -4.78 -26.07 31.57
N ASN B 109 -5.39 -26.81 30.65
CA ASN B 109 -4.73 -27.38 29.50
C ASN B 109 -5.82 -27.77 28.49
N PRO B 110 -6.60 -26.79 28.03
CA PRO B 110 -7.75 -27.08 27.14
C PRO B 110 -7.39 -27.86 25.85
N ILE B 111 -6.13 -27.86 25.44
CA ILE B 111 -5.69 -28.51 24.19
C ILE B 111 -4.96 -29.82 24.49
N ALA B 112 -4.04 -29.79 25.45
CA ALA B 112 -3.25 -30.97 25.74
C ALA B 112 -4.12 -32.12 26.21
N GLU B 113 -5.22 -31.82 26.90
CA GLU B 113 -6.12 -32.88 27.36
C GLU B 113 -6.60 -33.75 26.21
N LYS B 114 -6.66 -33.19 25.00
CA LYS B 114 -7.20 -33.90 23.84
C LYS B 114 -6.22 -34.92 23.28
N HIS B 115 -4.96 -34.89 23.67
CA HIS B 115 -4.01 -35.86 23.14
C HIS B 115 -3.28 -36.60 24.24
N VAL B 116 -3.98 -36.89 25.35
CA VAL B 116 -3.41 -37.78 26.36
C VAL B 116 -3.18 -39.14 25.74
N ASN B 117 -1.96 -39.67 25.90
CA ASN B 117 -1.46 -40.95 25.35
C ASN B 117 -1.17 -40.84 23.86
N GLY B 118 -1.09 -39.63 23.34
CA GLY B 118 -0.63 -39.47 21.97
C GLY B 118 0.46 -38.44 21.98
N THR B 119 0.59 -37.65 20.91
CA THR B 119 1.59 -36.60 20.86
C THR B 119 1.00 -35.29 20.36
N MET B 120 1.70 -34.21 20.59
CA MET B 120 1.50 -32.99 19.83
C MET B 120 2.82 -32.51 19.27
N SER B 121 2.79 -31.91 18.08
CA SER B 121 4.02 -31.32 17.57
C SER B 121 4.33 -30.02 18.31
N LEU B 122 5.57 -29.62 18.20
CA LEU B 122 5.98 -28.36 18.78
C LEU B 122 5.20 -27.17 18.25
N ALA B 123 4.84 -27.17 16.94
CA ALA B 123 3.92 -26.17 16.40
C ALA B 123 2.62 -26.15 17.20
N GLU B 124 2.03 -27.31 17.42
CA GLU B 124 0.72 -27.36 18.08
C GLU B 124 0.85 -26.98 19.57
N LEU B 125 1.93 -27.38 20.22
CA LEU B 125 2.22 -26.87 21.57
C LEU B 125 2.33 -25.33 21.58
N SER B 126 3.12 -24.76 20.67
CA SER B 126 3.28 -23.31 20.67
C SER B 126 1.93 -22.61 20.50
N ALA B 127 1.18 -23.03 19.49
CA ALA B 127 -0.13 -22.43 19.26
C ALA B 127 -1.03 -22.60 20.46
N ALA B 128 -1.09 -23.79 21.02
CA ALA B 128 -1.96 -23.96 22.18
C ALA B 128 -1.45 -23.14 23.37
N ALA B 129 -0.14 -22.98 23.52
CA ALA B 129 0.27 -22.16 24.65
C ALA B 129 -0.10 -20.70 24.42
N LEU B 130 0.08 -20.23 23.18
CA LEU B 130 -0.05 -18.81 22.92
C LEU B 130 -1.51 -18.41 22.81
N GLN B 131 -2.35 -19.29 22.26
CA GLN B 131 -3.69 -18.88 21.89
C GLN B 131 -4.77 -19.33 22.82
N TYR B 132 -4.57 -20.41 23.59
CA TYR B 132 -5.45 -20.81 24.66
C TYR B 132 -4.77 -20.76 26.02
N SER B 133 -3.51 -20.36 26.05
CA SER B 133 -2.75 -20.29 27.28
C SER B 133 -2.67 -21.67 27.98
N ASP B 134 -2.47 -22.75 27.21
CA ASP B 134 -2.42 -24.11 27.77
C ASP B 134 -1.21 -24.28 28.65
N ASN B 135 -1.41 -24.72 29.89
CA ASN B 135 -0.26 -24.81 30.79
C ASN B 135 0.63 -26.01 30.47
N VAL B 136 0.06 -27.15 30.05
CA VAL B 136 0.90 -28.30 29.67
C VAL B 136 1.76 -27.95 28.47
N ALA B 137 1.19 -27.25 27.51
CA ALA B 137 1.99 -26.86 26.36
C ALA B 137 3.17 -25.99 26.81
N MET B 138 2.91 -25.07 27.72
CA MET B 138 4.00 -24.25 28.24
C MET B 138 5.10 -25.15 28.81
N ASN B 139 4.70 -26.16 29.63
CA ASN B 139 5.70 -27.03 30.27
C ASN B 139 6.43 -27.83 29.19
N LYS B 140 5.75 -28.24 28.13
CA LYS B 140 6.43 -29.01 27.10
C LYS B 140 7.45 -28.16 26.35
N LEU B 141 7.11 -26.89 26.10
CA LEU B 141 8.06 -26.00 25.46
C LEU B 141 9.26 -25.75 26.37
N ILE B 142 8.99 -25.47 27.64
CA ILE B 142 10.08 -25.19 28.56
C ILE B 142 11.01 -26.40 28.63
N ALA B 143 10.42 -27.58 28.87
CA ALA B 143 11.21 -28.81 28.95
C ALA B 143 12.02 -29.01 27.68
N HIS B 144 11.41 -28.82 26.52
CA HIS B 144 12.12 -29.11 25.27
C HIS B 144 13.40 -28.29 25.09
N VAL B 145 13.38 -27.01 25.44
CA VAL B 145 14.59 -26.20 25.30
C VAL B 145 15.56 -26.43 26.45
N GLY B 146 15.19 -27.20 27.45
CA GLY B 146 16.14 -27.55 28.47
C GLY B 146 15.89 -27.07 29.87
N GLY B 147 14.74 -26.46 30.15
CA GLY B 147 14.41 -26.01 31.48
C GLY B 147 14.19 -24.52 31.56
N PRO B 148 13.59 -24.08 32.67
CA PRO B 148 13.30 -22.65 32.80
C PRO B 148 14.55 -21.83 32.63
N ALA B 149 15.69 -22.33 33.12
CA ALA B 149 16.92 -21.56 32.97
C ALA B 149 17.32 -21.41 31.50
N SER B 150 17.07 -22.42 30.67
CA SER B 150 17.41 -22.32 29.25
C SER B 150 16.50 -21.33 28.54
N VAL B 151 15.28 -21.14 29.03
CA VAL B 151 14.50 -20.02 28.48
C VAL B 151 15.17 -18.72 28.86
N THR B 152 15.60 -18.61 30.11
CA THR B 152 16.28 -17.39 30.51
C THR B 152 17.53 -17.20 29.72
N ALA B 153 18.37 -18.23 29.58
CA ALA B 153 19.47 -18.07 28.63
C ALA B 153 19.00 -17.43 27.31
N PHE B 154 17.88 -17.91 26.73
CA PHE B 154 17.48 -17.39 25.43
C PHE B 154 17.15 -15.90 25.50
N ALA B 155 16.48 -15.46 26.58
CA ALA B 155 16.30 -14.02 26.82
C ALA B 155 17.63 -13.31 26.84
N ARG B 156 18.61 -13.86 27.51
CA ARG B 156 19.90 -13.19 27.54
C ARG B 156 20.50 -13.05 26.14
N GLN B 157 20.40 -14.11 25.34
CA GLN B 157 20.92 -14.06 23.97
C GLN B 157 20.34 -12.88 23.22
N LEU B 158 19.14 -12.47 23.59
CA LEU B 158 18.48 -11.35 22.98
C LEU B 158 18.93 -10.01 23.53
N GLY B 159 19.65 -10.01 24.62
CA GLY B 159 19.94 -8.77 25.29
C GLY B 159 18.92 -8.38 26.32
N ASP B 160 17.95 -9.25 26.62
CA ASP B 160 17.03 -9.01 27.73
C ASP B 160 17.74 -9.44 29.01
N GLU B 161 18.10 -8.45 29.85
CA GLU B 161 18.84 -8.72 31.07
C GLU B 161 17.96 -8.73 32.33
N THR B 162 16.65 -8.64 32.16
CA THR B 162 15.69 -8.54 33.26
C THR B 162 14.82 -9.77 33.41
N PHE B 163 14.40 -10.35 32.28
CA PHE B 163 13.55 -11.51 32.28
C PHE B 163 14.21 -12.65 33.05
N ARG B 164 13.42 -13.27 33.90
CA ARG B 164 13.86 -14.43 34.63
C ARG B 164 12.73 -15.42 34.73
N LEU B 165 12.92 -16.60 34.17
CA LEU B 165 11.98 -17.70 34.33
C LEU B 165 12.62 -18.71 35.27
N ASP B 166 11.95 -19.01 36.35
CA ASP B 166 12.49 -19.81 37.45
C ASP B 166 11.75 -21.09 37.66
N ARG B 167 10.44 -21.09 37.44
CA ARG B 167 9.62 -22.25 37.63
C ARG B 167 8.78 -22.64 36.40
N THR B 168 8.09 -23.76 36.51
CA THR B 168 7.23 -24.27 35.47
C THR B 168 5.80 -24.03 35.83
N GLU B 169 4.89 -24.55 35.06
CA GLU B 169 3.50 -24.38 35.38
C GLU B 169 3.04 -25.46 36.33
N PRO B 170 2.16 -25.12 37.26
CA PRO B 170 1.49 -23.83 37.29
C PRO B 170 2.02 -22.90 38.35
N THR B 171 3.11 -23.25 38.97
CA THR B 171 3.61 -22.45 40.04
C THR B 171 4.29 -21.16 39.65
N LEU B 172 4.65 -20.98 38.40
CA LEU B 172 5.34 -19.74 38.07
C LEU B 172 4.41 -18.54 38.16
N ASN B 173 3.16 -18.77 38.51
CA ASN B 173 2.15 -17.73 38.60
C ASN B 173 1.83 -17.31 40.02
N THR B 174 2.59 -17.79 41.00
CA THR B 174 2.26 -17.43 42.38
C THR B 174 2.16 -15.92 42.52
N ALA B 175 3.02 -15.17 41.80
CA ALA B 175 3.00 -13.70 41.78
C ALA B 175 2.98 -13.07 43.16
N ILE B 176 3.77 -13.63 44.06
CA ILE B 176 3.75 -13.12 45.42
C ILE B 176 4.46 -11.77 45.47
N PRO B 177 3.81 -10.73 46.01
CA PRO B 177 4.48 -9.42 46.14
C PRO B 177 5.90 -9.60 46.67
N GLY B 178 6.87 -8.82 46.17
CA GLY B 178 8.25 -8.94 46.62
C GLY B 178 9.01 -10.15 46.11
N ASP B 179 8.33 -11.13 45.49
CA ASP B 179 8.99 -12.34 44.99
C ASP B 179 9.48 -12.12 43.56
N PRO B 180 10.78 -12.23 43.31
CA PRO B 180 11.30 -11.93 41.98
C PRO B 180 11.27 -13.08 40.99
N ARG B 181 11.06 -14.32 41.44
CA ARG B 181 11.04 -15.42 40.49
C ARG B 181 10.01 -15.16 39.41
N ASP B 182 10.37 -15.51 38.18
CA ASP B 182 9.42 -15.48 37.09
C ASP B 182 8.91 -14.07 36.87
N THR B 183 9.81 -13.10 36.95
CA THR B 183 9.47 -11.69 36.77
C THR B 183 10.23 -10.99 35.68
N THR B 184 9.76 -9.79 35.38
CA THR B 184 10.42 -8.86 34.45
C THR B 184 9.82 -7.48 34.60
N SER B 185 10.40 -6.51 33.90
CA SER B 185 9.90 -5.13 33.90
C SER B 185 9.12 -4.87 32.63
N PRO B 186 8.10 -4.00 32.72
CA PRO B 186 7.31 -3.66 31.52
C PRO B 186 8.21 -3.16 30.42
N ARG B 187 9.28 -2.45 30.80
CA ARG B 187 10.18 -1.93 29.79
C ARG B 187 10.89 -3.05 29.06
N ALA B 188 11.52 -3.97 29.82
CA ALA B 188 12.30 -5.03 29.22
C ALA B 188 11.45 -5.91 28.34
N MET B 189 10.26 -6.21 28.78
CA MET B 189 9.35 -7.01 28.00
C MET B 189 8.89 -6.22 26.76
N ALA B 190 8.64 -4.93 26.89
CA ALA B 190 8.27 -4.15 25.72
C ALA B 190 9.39 -4.22 24.68
N GLN B 191 10.59 -3.87 25.10
CA GLN B 191 11.76 -4.02 24.24
C GLN B 191 11.81 -5.41 23.63
N THR B 192 11.69 -6.48 24.45
CA THR B 192 11.89 -7.80 23.88
C THR B 192 10.76 -8.15 22.92
N LEU B 193 9.52 -7.81 23.25
CA LEU B 193 8.44 -8.14 22.32
C LEU B 193 8.63 -7.41 20.99
N ARG B 194 9.11 -6.18 21.05
CA ARG B 194 9.42 -5.43 19.84
C ARG B 194 10.46 -6.17 19.02
N ASN B 195 11.56 -6.57 19.69
CA ASN B 195 12.65 -7.27 19.03
C ASN B 195 12.18 -8.60 18.47
N LEU B 196 11.17 -9.23 19.08
CA LEU B 196 10.75 -10.54 18.62
C LEU B 196 9.68 -10.45 17.53
N THR B 197 8.68 -9.59 17.74
CA THR B 197 7.63 -9.53 16.76
C THR B 197 7.85 -8.57 15.58
N LEU B 198 8.82 -7.67 15.64
CA LEU B 198 9.00 -6.71 14.57
C LEU B 198 10.44 -6.67 14.13
N GLY B 199 11.37 -6.92 15.06
CA GLY B 199 12.79 -6.85 14.78
C GLY B 199 13.40 -8.16 14.34
N LYS B 200 14.69 -8.29 14.63
CA LYS B 200 15.59 -9.24 14.01
C LYS B 200 15.95 -10.41 14.93
N ALA B 201 15.32 -10.51 16.09
CA ALA B 201 15.67 -11.58 17.01
C ALA B 201 15.46 -12.97 16.39
N LEU B 202 14.44 -13.12 15.54
CA LEU B 202 14.12 -14.33 14.83
C LEU B 202 14.19 -14.13 13.32
N GLY B 203 14.33 -15.24 12.58
CA GLY B 203 14.20 -15.18 11.14
C GLY B 203 12.82 -14.72 10.73
N ASP B 204 12.71 -14.23 9.49
CA ASP B 204 11.41 -13.78 9.00
C ASP B 204 10.33 -14.81 9.13
N SER B 205 10.59 -16.06 8.73
CA SER B 205 9.53 -17.06 8.80
C SER B 205 9.18 -17.29 10.26
N GLN B 206 10.20 -17.36 11.13
CA GLN B 206 9.94 -17.54 12.56
C GLN B 206 9.24 -16.32 13.13
N ARG B 207 9.74 -15.13 12.80
CA ARG B 207 9.08 -13.90 13.22
CA ARG B 207 9.08 -13.90 13.22
C ARG B 207 7.62 -13.89 12.77
N ALA B 208 7.35 -14.22 11.49
CA ALA B 208 5.98 -14.13 10.99
C ALA B 208 5.10 -15.13 11.72
N GLN B 209 5.62 -16.31 11.98
CA GLN B 209 4.83 -17.33 12.65
C GLN B 209 4.45 -16.91 14.06
N LEU B 210 5.38 -16.35 14.80
CA LEU B 210 4.98 -15.83 16.10
C LEU B 210 3.82 -14.83 15.98
N VAL B 211 3.98 -13.81 15.12
CA VAL B 211 2.93 -12.82 14.91
C VAL B 211 1.64 -13.50 14.49
N THR B 212 1.69 -14.44 13.55
CA THR B 212 0.44 -15.11 13.23
C THR B 212 -0.14 -15.76 14.49
N TRP B 213 0.72 -16.42 15.27
CA TRP B 213 0.22 -17.14 16.45
C TRP B 213 -0.45 -16.12 17.35
N MET B 214 0.22 -14.94 17.57
CA MET B 214 -0.39 -14.12 18.61
C MET B 214 -1.62 -13.35 18.11
N LYS B 215 -1.72 -13.14 16.80
CA LYS B 215 -2.90 -12.54 16.22
C LYS B 215 -4.10 -13.43 16.34
N GLY B 216 -3.88 -14.72 16.49
CA GLY B 216 -4.94 -15.68 16.69
C GLY B 216 -5.21 -16.07 18.14
N ASN B 217 -4.69 -15.30 19.06
CA ASN B 217 -4.96 -15.52 20.45
C ASN B 217 -6.43 -15.44 20.71
N THR B 218 -6.96 -16.36 21.53
CA THR B 218 -8.38 -16.38 21.91
C THR B 218 -8.64 -15.80 23.30
N THR B 219 -7.62 -15.46 24.06
CA THR B 219 -7.80 -15.10 25.47
C THR B 219 -7.75 -13.61 25.80
N GLY B 220 -7.45 -12.75 24.85
CA GLY B 220 -7.28 -11.35 25.16
C GLY B 220 -8.39 -10.42 24.79
N ALA B 221 -9.62 -10.90 24.68
CA ALA B 221 -10.69 -10.04 24.20
C ALA B 221 -10.97 -8.89 25.16
N ALA B 222 -10.95 -9.17 26.45
CA ALA B 222 -11.35 -8.22 27.49
C ALA B 222 -10.19 -7.38 27.98
N SER B 223 -8.98 -7.62 27.49
CA SER B 223 -7.78 -6.99 28.01
C SER B 223 -7.41 -5.81 27.09
N ILE B 224 -6.19 -5.71 26.61
CA ILE B 224 -5.79 -4.57 25.81
C ILE B 224 -6.74 -4.37 24.65
N GLN B 225 -7.21 -5.45 24.03
CA GLN B 225 -8.10 -5.28 22.89
C GLN B 225 -9.30 -4.42 23.26
N ALA B 226 -9.88 -4.69 24.42
CA ALA B 226 -11.13 -4.07 24.85
C ALA B 226 -11.02 -2.56 24.92
N GLY B 227 -9.80 -2.03 25.08
CA GLY B 227 -9.60 -0.61 25.14
C GLY B 227 -9.23 0.03 23.83
N LEU B 228 -9.12 -0.74 22.75
CA LEU B 228 -8.68 -0.19 21.49
C LEU B 228 -9.79 -0.14 20.45
N PRO B 229 -9.68 0.76 19.47
CA PRO B 229 -10.68 0.78 18.40
C PRO B 229 -10.83 -0.59 17.76
N ALA B 230 -12.07 -1.01 17.55
CA ALA B 230 -12.37 -2.31 16.97
C ALA B 230 -11.48 -2.59 15.77
N SER B 231 -11.12 -1.54 15.03
CA SER B 231 -10.51 -1.70 13.72
C SER B 231 -9.01 -1.96 13.78
N TRP B 232 -8.38 -1.89 14.95
CA TRP B 232 -6.96 -2.14 15.03
C TRP B 232 -6.65 -3.63 15.10
N VAL B 233 -5.53 -4.00 14.51
CA VAL B 233 -5.09 -5.39 14.51
C VAL B 233 -4.20 -5.57 15.72
N VAL B 234 -4.47 -6.60 16.49
CA VAL B 234 -3.78 -6.85 17.74
C VAL B 234 -3.32 -8.30 17.78
N GLY B 235 -2.10 -8.52 18.23
CA GLY B 235 -1.65 -9.85 18.57
C GLY B 235 -1.13 -9.75 19.99
N ASP B 236 -1.70 -10.53 20.90
CA ASP B 236 -1.41 -10.34 22.30
C ASP B 236 -1.31 -11.68 23.01
N LYS B 237 -0.73 -11.64 24.19
CA LYS B 237 -0.65 -12.80 25.07
C LYS B 237 -0.98 -12.28 26.44
N THR B 238 -2.05 -12.79 27.03
CA THR B 238 -2.44 -12.39 28.36
C THR B 238 -1.70 -13.20 29.42
N GLY B 239 -1.95 -12.87 30.67
CA GLY B 239 -1.41 -13.62 31.78
C GLY B 239 -2.19 -13.24 33.01
N SER B 240 -2.40 -14.23 33.87
CA SER B 240 -3.03 -13.98 35.15
C SER B 240 -2.48 -14.97 36.15
N GLY B 241 -2.53 -14.61 37.44
CA GLY B 241 -1.97 -15.42 38.50
C GLY B 241 -2.54 -15.02 39.83
N GLY B 242 -2.02 -15.59 40.92
CA GLY B 242 -2.38 -15.13 42.26
C GLY B 242 -2.30 -13.62 42.40
N TYR B 243 -2.99 -13.13 43.44
CA TYR B 243 -2.95 -11.71 43.72
C TYR B 243 -3.63 -10.90 42.64
N GLY B 244 -4.58 -11.53 41.97
CA GLY B 244 -5.28 -10.88 40.88
C GLY B 244 -4.37 -10.35 39.81
N THR B 245 -3.11 -10.75 39.81
CA THR B 245 -2.20 -10.34 38.75
C THR B 245 -2.85 -10.60 37.42
N THR B 246 -2.91 -9.53 36.62
CA THR B 246 -3.68 -9.54 35.40
C THR B 246 -2.85 -8.78 34.38
N ASN B 247 -2.48 -9.44 33.29
CA ASN B 247 -1.40 -8.97 32.43
C ASN B 247 -1.79 -9.11 30.97
N ASP B 248 -1.13 -8.30 30.14
CA ASP B 248 -1.26 -8.40 28.69
C ASP B 248 -0.07 -7.74 28.04
N ILE B 249 0.43 -8.36 27.00
CA ILE B 249 1.46 -7.77 26.18
C ILE B 249 1.02 -7.97 24.72
N ALA B 250 1.30 -6.99 23.89
CA ALA B 250 0.58 -6.86 22.62
C ALA B 250 1.45 -6.12 21.62
N VAL B 251 1.40 -6.55 20.37
CA VAL B 251 1.80 -5.70 19.24
C VAL B 251 0.54 -5.33 18.49
N ILE B 252 0.43 -4.08 18.11
CA ILE B 252 -0.83 -3.50 17.64
C ILE B 252 -0.54 -2.74 16.37
N TRP B 253 -1.39 -2.94 15.36
CA TRP B 253 -1.36 -2.14 14.14
C TRP B 253 -2.58 -1.24 14.17
N PRO B 254 -2.41 0.02 14.53
CA PRO B 254 -3.54 0.94 14.49
C PRO B 254 -3.86 1.30 13.06
N LYS B 255 -4.99 1.98 12.93
CA LYS B 255 -5.40 2.73 11.75
C LYS B 255 -4.23 3.14 10.86
N ASP B 256 -4.08 2.63 9.66
CA ASP B 256 -2.96 3.07 8.81
C ASP B 256 -1.76 3.59 9.58
N ARG B 257 -1.26 2.90 10.59
CA ARG B 257 -0.14 3.42 11.36
CA ARG B 257 -0.15 3.41 11.38
C ARG B 257 0.97 2.38 11.47
N ALA B 258 2.11 2.84 11.96
CA ALA B 258 3.19 1.98 12.32
C ALA B 258 2.82 1.27 13.61
N PRO B 259 3.37 0.11 13.81
CA PRO B 259 2.88 -0.71 14.91
C PRO B 259 3.34 -0.18 16.27
N LEU B 260 2.55 -0.48 17.30
CA LEU B 260 2.89 -0.18 18.68
C LEU B 260 3.19 -1.50 19.40
N ILE B 261 4.02 -1.43 20.43
CA ILE B 261 4.28 -2.51 21.38
C ILE B 261 3.78 -2.01 22.72
N LEU B 262 2.89 -2.77 23.34
CA LEU B 262 2.27 -2.36 24.59
C LEU B 262 2.33 -3.52 25.58
N VAL B 263 2.90 -3.24 26.75
CA VAL B 263 2.90 -4.12 27.93
C VAL B 263 2.03 -3.45 28.98
N THR B 264 1.01 -4.17 29.46
CA THR B 264 0.22 -3.76 30.62
C THR B 264 0.29 -4.88 31.67
N TYR B 265 0.95 -4.62 32.79
CA TYR B 265 1.07 -5.59 33.88
C TYR B 265 0.30 -4.98 35.02
N PHE B 266 -0.41 -5.81 35.76
CA PHE B 266 -1.16 -5.33 36.90
C PHE B 266 -1.08 -6.38 38.01
N THR B 267 -0.94 -5.94 39.26
CA THR B 267 -1.08 -6.88 40.36
C THR B 267 -1.71 -6.19 41.56
N GLN B 268 -2.30 -7.00 42.43
CA GLN B 268 -3.07 -6.48 43.55
C GLN B 268 -2.38 -6.95 44.83
N PRO B 269 -2.75 -6.44 46.01
CA PRO B 269 -2.12 -6.91 47.25
C PRO B 269 -2.80 -8.02 48.02
N GLN B 270 -3.92 -8.55 47.56
CA GLN B 270 -4.66 -9.63 48.23
C GLN B 270 -4.65 -10.92 47.44
N PRO B 271 -4.31 -12.03 48.10
CA PRO B 271 -3.90 -13.22 47.35
C PRO B 271 -5.00 -13.83 46.51
N LYS B 272 -6.26 -13.78 46.96
CA LYS B 272 -7.37 -14.31 46.18
C LYS B 272 -8.12 -13.19 45.47
N ALA B 273 -7.43 -12.09 45.18
CA ALA B 273 -8.06 -10.96 44.53
C ALA B 273 -8.56 -11.37 43.15
N GLU B 274 -9.70 -10.81 42.75
CA GLU B 274 -10.29 -11.10 41.46
C GLU B 274 -9.43 -10.53 40.33
N SER B 275 -9.54 -11.13 39.16
CA SER B 275 -8.83 -10.64 37.99
C SER B 275 -9.42 -9.32 37.53
N ARG B 276 -8.58 -8.48 36.94
CA ARG B 276 -8.95 -7.10 36.57
C ARG B 276 -8.43 -6.82 35.15
N ARG B 277 -8.98 -7.52 34.16
CA ARG B 277 -8.68 -7.22 32.77
C ARG B 277 -9.29 -5.87 32.33
N ASP B 278 -10.28 -5.35 33.06
CA ASP B 278 -10.85 -4.05 32.73
C ASP B 278 -9.84 -2.95 32.93
N VAL B 279 -8.80 -3.23 33.70
CA VAL B 279 -7.79 -2.22 33.93
C VAL B 279 -6.80 -2.17 32.78
N LEU B 280 -6.31 -3.33 32.35
CA LEU B 280 -5.46 -3.29 31.16
C LEU B 280 -6.15 -2.58 30.01
N ALA B 281 -7.45 -2.84 29.81
CA ALA B 281 -8.22 -2.13 28.78
C ALA B 281 -8.13 -0.63 28.99
N SER B 282 -8.55 -0.17 30.16
CA SER B 282 -8.45 1.24 30.48
C SER B 282 -7.05 1.81 30.21
N ALA B 283 -6.02 1.05 30.61
CA ALA B 283 -4.64 1.47 30.36
C ALA B 283 -4.39 1.58 28.87
N ALA B 284 -4.77 0.55 28.12
CA ALA B 284 -4.62 0.60 26.67
C ALA B 284 -5.28 1.85 26.10
N LYS B 285 -6.54 2.07 26.44
CA LYS B 285 -7.29 3.18 25.90
C LYS B 285 -6.61 4.49 26.24
N ILE B 286 -6.12 4.62 27.47
CA ILE B 286 -5.48 5.86 27.89
C ILE B 286 -4.27 6.14 27.02
N VAL B 287 -3.41 5.14 26.85
CA VAL B 287 -2.12 5.42 26.23
C VAL B 287 -2.15 5.38 24.72
N THR B 288 -3.20 4.84 24.13
CA THR B 288 -3.34 4.86 22.68
C THR B 288 -4.20 6.01 22.23
N ASP B 289 -4.77 6.78 23.15
CA ASP B 289 -5.55 7.95 22.79
C ASP B 289 -4.64 8.88 21.97
N GLY B 290 -5.06 9.16 20.76
CA GLY B 290 -4.29 10.01 19.87
C GLY B 290 -3.80 9.32 18.62
N ALA C 31 -17.81 15.95 -46.54
CA ALA C 31 -17.27 14.61 -46.46
C ALA C 31 -15.76 14.62 -46.38
N ASP C 32 -15.17 15.80 -46.22
CA ASP C 32 -13.72 15.84 -46.21
C ASP C 32 -13.15 15.14 -44.97
N VAL C 33 -13.84 15.24 -43.83
CA VAL C 33 -13.42 14.50 -42.64
C VAL C 33 -13.26 13.03 -42.99
N GLN C 34 -14.18 12.52 -43.81
CA GLN C 34 -14.09 11.13 -44.23
C GLN C 34 -12.86 10.91 -45.07
N GLN C 35 -12.64 11.75 -46.06
CA GLN C 35 -11.43 11.61 -46.86
C GLN C 35 -10.18 11.66 -46.01
N LYS C 36 -10.21 12.37 -44.88
CA LYS C 36 -9.04 12.40 -44.04
C LYS C 36 -8.92 11.10 -43.24
N LEU C 37 -10.02 10.44 -42.96
CA LEU C 37 -9.91 9.11 -42.34
C LEU C 37 -9.47 8.06 -43.36
N ALA C 38 -9.91 8.18 -44.63
CA ALA C 38 -9.44 7.19 -45.61
C ALA C 38 -7.94 7.36 -45.87
N GLU C 39 -7.45 8.59 -45.83
CA GLU C 39 -6.02 8.81 -46.00
C GLU C 39 -5.26 8.26 -44.80
N LEU C 40 -5.76 8.52 -43.59
CA LEU C 40 -5.16 7.93 -42.41
C LEU C 40 -5.21 6.42 -42.49
N GLU C 41 -6.36 5.86 -42.88
CA GLU C 41 -6.46 4.41 -43.01
C GLU C 41 -5.49 3.88 -44.05
N ARG C 42 -5.47 4.50 -45.23
CA ARG C 42 -4.50 4.14 -46.26
C ARG C 42 -3.08 4.14 -45.69
N GLN C 43 -2.76 5.21 -44.96
CA GLN C 43 -1.41 5.44 -44.44
C GLN C 43 -0.98 4.42 -43.40
N SER C 44 -1.91 3.69 -42.80
CA SER C 44 -1.56 2.75 -41.75
C SER C 44 -1.68 1.30 -42.18
N GLY C 45 -1.92 1.03 -43.45
CA GLY C 45 -2.02 -0.32 -43.93
C GLY C 45 -3.05 -1.19 -43.23
N GLY C 46 -3.90 -0.60 -42.39
CA GLY C 46 -4.87 -1.40 -41.66
C GLY C 46 -6.31 -1.09 -41.99
N ARG C 47 -7.21 -1.42 -41.06
CA ARG C 47 -8.63 -1.14 -41.18
C ARG C 47 -9.09 -0.42 -39.92
N LEU C 48 -9.85 0.65 -40.11
CA LEU C 48 -10.17 1.67 -39.10
C LEU C 48 -11.68 1.77 -38.93
N GLY C 49 -12.13 1.90 -37.69
CA GLY C 49 -13.56 2.03 -37.40
C GLY C 49 -13.79 3.19 -36.44
N VAL C 50 -14.65 4.15 -36.81
CA VAL C 50 -14.91 5.32 -35.98
C VAL C 50 -16.41 5.52 -35.87
N ALA C 51 -16.87 5.88 -34.67
CA ALA C 51 -18.30 6.21 -34.48
C ALA C 51 -18.34 7.31 -33.43
N LEU C 52 -18.49 8.56 -33.87
CA LEU C 52 -18.45 9.71 -32.95
C LEU C 52 -19.87 10.22 -32.77
N ILE C 53 -20.24 10.47 -31.53
CA ILE C 53 -21.56 11.00 -31.20
C ILE C 53 -21.34 12.33 -30.53
N ASN C 54 -21.88 13.38 -31.16
CA ASN C 54 -21.93 14.70 -30.57
C ASN C 54 -23.30 14.87 -29.91
N THR C 55 -23.32 14.87 -28.58
CA THR C 55 -24.60 14.99 -27.85
C THR C 55 -25.23 16.38 -27.99
N ALA C 56 -24.50 17.36 -28.52
CA ALA C 56 -25.13 18.65 -28.87
C ALA C 56 -26.42 18.42 -29.68
N ASP C 57 -26.28 17.79 -30.85
CA ASP C 57 -27.41 17.64 -31.77
C ASP C 57 -27.66 16.16 -32.08
N ASN C 58 -27.07 15.25 -31.32
CA ASN C 58 -27.24 13.81 -31.54
C ASN C 58 -26.77 13.37 -32.92
N SER C 59 -25.86 14.11 -33.53
CA SER C 59 -25.34 13.80 -34.86
C SER C 59 -24.14 12.86 -34.71
N GLN C 60 -23.74 12.22 -35.81
CA GLN C 60 -22.71 11.18 -35.72
C GLN C 60 -21.80 11.32 -36.92
N ILE C 61 -20.53 10.99 -36.67
CA ILE C 61 -19.53 10.79 -37.70
C ILE C 61 -19.15 9.33 -37.63
N LEU C 62 -19.24 8.66 -38.77
CA LEU C 62 -19.16 7.22 -38.88
C LEU C 62 -18.21 6.85 -40.01
N TYR C 63 -17.22 6.02 -39.69
CA TYR C 63 -16.31 5.48 -40.69
C TYR C 63 -16.21 3.99 -40.43
N ARG C 64 -16.75 3.19 -41.35
CA ARG C 64 -16.85 1.74 -41.15
C ARG C 64 -17.52 1.40 -39.82
N ALA C 65 -18.55 2.17 -39.46
CA ALA C 65 -19.13 2.11 -38.13
C ALA C 65 -20.04 0.90 -37.96
N ASP C 66 -20.41 0.21 -39.04
CA ASP C 66 -21.22 -0.98 -38.88
C ASP C 66 -20.47 -2.29 -39.08
N GLU C 67 -19.18 -2.25 -39.39
CA GLU C 67 -18.35 -3.45 -39.41
C GLU C 67 -17.97 -3.85 -38.00
N ARG C 68 -17.62 -5.12 -37.86
CA ARG C 68 -17.22 -5.67 -36.58
C ARG C 68 -15.70 -5.58 -36.42
N PHE C 69 -15.29 -5.19 -35.23
CA PHE C 69 -13.89 -5.30 -34.83
C PHE C 69 -13.84 -6.11 -33.55
N ALA C 70 -12.69 -6.75 -33.32
CA ALA C 70 -12.42 -7.36 -32.03
C ALA C 70 -12.28 -6.26 -30.98
N MET C 71 -13.00 -6.39 -29.86
CA MET C 71 -13.01 -5.32 -28.87
C MET C 71 -11.78 -5.30 -28.01
N CYS C 72 -11.22 -6.47 -27.72
CA CYS C 72 -10.09 -6.62 -26.81
C CYS C 72 -10.49 -5.99 -25.48
N SER C 73 -9.61 -5.28 -24.82
CA SER C 73 -9.97 -4.81 -23.50
C SER C 73 -11.14 -3.83 -23.43
N THR C 74 -11.60 -3.26 -24.54
CA THR C 74 -12.69 -2.29 -24.41
C THR C 74 -13.94 -3.03 -23.94
N SER C 75 -13.97 -4.35 -24.06
CA SER C 75 -15.11 -5.09 -23.52
C SER C 75 -15.20 -5.01 -21.99
N LYS C 76 -14.12 -4.60 -21.33
CA LYS C 76 -14.15 -4.50 -19.88
C LYS C 76 -15.14 -3.44 -19.43
N VAL C 77 -15.42 -2.45 -20.26
CA VAL C 77 -16.44 -1.49 -19.85
C VAL C 77 -17.79 -2.21 -19.69
N MET C 78 -18.13 -3.13 -20.60
CA MET C 78 -19.41 -3.83 -20.51
C MET C 78 -19.45 -4.80 -19.33
N ALA C 79 -18.37 -5.54 -19.10
CA ALA C 79 -18.31 -6.38 -17.90
C ALA C 79 -18.51 -5.56 -16.64
N ALA C 80 -17.79 -4.43 -16.51
CA ALA C 80 -17.91 -3.62 -15.31
C ALA C 80 -19.32 -3.02 -15.19
N ALA C 81 -19.90 -2.68 -16.35
CA ALA C 81 -21.23 -2.09 -16.35
C ALA C 81 -22.25 -3.11 -15.90
N ALA C 82 -22.14 -4.33 -16.40
CA ALA C 82 -23.01 -5.40 -15.94
C ALA C 82 -22.99 -5.53 -14.43
N VAL C 83 -21.80 -5.50 -13.83
CA VAL C 83 -21.72 -5.60 -12.37
C VAL C 83 -22.41 -4.40 -11.73
N LEU C 84 -22.15 -3.20 -12.24
CA LEU C 84 -22.90 -2.05 -11.76
C LEU C 84 -24.41 -2.28 -11.82
N LYS C 85 -24.90 -2.72 -12.96
CA LYS C 85 -26.33 -2.96 -13.11
C LYS C 85 -26.84 -3.91 -12.06
N LYS C 86 -26.12 -5.04 -11.87
CA LYS C 86 -26.45 -6.02 -10.85
C LYS C 86 -26.48 -5.38 -9.46
N SER C 87 -25.57 -4.44 -9.20
CA SER C 87 -25.59 -3.69 -7.93
C SER C 87 -26.96 -3.11 -7.61
N GLU C 88 -27.65 -2.58 -8.62
CA GLU C 88 -28.92 -1.89 -8.34
C GLU C 88 -29.89 -2.82 -7.65
N SER C 89 -29.74 -4.11 -7.88
CA SER C 89 -30.58 -5.10 -7.24
C SER C 89 -29.90 -5.76 -6.05
N GLU C 90 -28.57 -5.79 -6.05
CA GLU C 90 -27.81 -6.38 -4.97
C GLU C 90 -26.98 -5.25 -4.37
N PRO C 91 -27.57 -4.46 -3.46
CA PRO C 91 -26.92 -3.19 -3.07
C PRO C 91 -25.51 -3.33 -2.57
N ASN C 92 -25.21 -4.41 -1.88
CA ASN C 92 -23.87 -4.57 -1.34
C ASN C 92 -22.91 -5.17 -2.32
N LEU C 93 -23.25 -5.23 -3.61
CA LEU C 93 -22.41 -6.03 -4.50
C LEU C 93 -20.98 -5.55 -4.60
N LEU C 94 -20.76 -4.24 -4.69
CA LEU C 94 -19.42 -3.77 -5.00
C LEU C 94 -18.42 -4.03 -3.88
N ASN C 95 -18.90 -4.27 -2.67
CA ASN C 95 -18.00 -4.60 -1.56
C ASN C 95 -17.75 -6.10 -1.42
N GLN C 96 -18.46 -6.93 -2.16
CA GLN C 96 -18.23 -8.37 -2.09
C GLN C 96 -16.76 -8.71 -2.37
N ARG C 97 -16.13 -9.36 -1.42
CA ARG C 97 -14.73 -9.73 -1.63
C ARG C 97 -14.64 -10.94 -2.55
N VAL C 98 -13.56 -11.00 -3.33
CA VAL C 98 -13.34 -12.12 -4.24
C VAL C 98 -11.91 -12.62 -4.11
N GLU C 99 -11.75 -13.95 -4.02
CA GLU C 99 -10.44 -14.49 -3.69
C GLU C 99 -9.51 -14.43 -4.89
N ILE C 100 -8.26 -14.01 -4.67
CA ILE C 100 -7.28 -14.01 -5.74
C ILE C 100 -6.30 -15.14 -5.45
N LYS C 101 -6.39 -16.25 -6.19
CA LYS C 101 -5.57 -17.43 -6.01
C LYS C 101 -4.43 -17.39 -7.01
N LYS C 102 -3.31 -17.98 -6.61
CA LYS C 102 -2.15 -18.10 -7.47
C LYS C 102 -2.54 -18.62 -8.84
N SER C 103 -3.55 -19.49 -8.91
CA SER C 103 -3.87 -20.07 -10.22
C SER C 103 -4.53 -19.03 -11.10
N ASP C 104 -5.33 -18.14 -10.51
CA ASP C 104 -6.06 -17.15 -11.30
C ASP C 104 -5.16 -16.36 -12.22
N LEU C 105 -3.88 -16.25 -11.91
CA LEU C 105 -3.03 -15.34 -12.65
C LEU C 105 -2.89 -15.74 -14.09
N VAL C 106 -3.14 -14.79 -14.99
CA VAL C 106 -3.04 -15.03 -16.42
C VAL C 106 -1.83 -14.27 -16.91
N ASN C 107 -1.95 -13.58 -18.03
CA ASN C 107 -0.80 -12.95 -18.65
C ASN C 107 -0.56 -11.52 -18.18
N TYR C 108 -1.51 -10.92 -17.48
CA TYR C 108 -1.35 -9.52 -17.10
C TYR C 108 -2.35 -9.21 -16.02
N ASN C 109 -1.87 -8.78 -14.87
CA ASN C 109 -2.67 -8.64 -13.68
C ASN C 109 -1.88 -7.83 -12.67
N PRO C 110 -1.55 -6.58 -13.01
CA PRO C 110 -0.74 -5.73 -12.12
C PRO C 110 -1.43 -5.38 -10.81
N ILE C 111 -2.74 -5.46 -10.71
CA ILE C 111 -3.43 -5.18 -9.46
C ILE C 111 -3.69 -6.46 -8.67
N ALA C 112 -4.24 -7.49 -9.33
CA ALA C 112 -4.64 -8.66 -8.58
C ALA C 112 -3.43 -9.36 -7.96
N GLU C 113 -2.25 -9.23 -8.57
CA GLU C 113 -1.05 -9.86 -8.06
C GLU C 113 -0.55 -9.24 -6.77
N LYS C 114 -1.03 -8.04 -6.42
CA LYS C 114 -0.76 -7.46 -5.10
C LYS C 114 -1.58 -8.13 -4.01
N HIS C 115 -2.53 -8.99 -4.39
CA HIS C 115 -3.53 -9.52 -3.48
C HIS C 115 -3.59 -11.02 -3.54
N VAL C 116 -2.52 -11.65 -4.01
CA VAL C 116 -2.50 -13.10 -4.12
C VAL C 116 -2.72 -13.69 -2.74
N ASN C 117 -3.50 -14.76 -2.70
CA ASN C 117 -3.90 -15.43 -1.47
C ASN C 117 -4.62 -14.49 -0.54
N GLY C 118 -5.19 -13.43 -1.13
CA GLY C 118 -6.09 -12.54 -0.41
C GLY C 118 -7.38 -12.22 -1.15
N THR C 119 -8.01 -11.08 -0.91
CA THR C 119 -9.21 -10.75 -1.68
C THR C 119 -9.11 -9.34 -2.25
N MET C 120 -10.03 -9.08 -3.17
CA MET C 120 -10.24 -7.79 -3.83
C MET C 120 -11.73 -7.58 -3.90
N SER C 121 -12.23 -6.39 -3.55
CA SER C 121 -13.66 -6.19 -3.74
C SER C 121 -13.97 -6.15 -5.23
N LEU C 122 -15.24 -6.35 -5.56
CA LEU C 122 -15.71 -6.18 -6.94
C LEU C 122 -15.55 -4.73 -7.41
N ALA C 123 -15.63 -3.78 -6.50
CA ALA C 123 -15.24 -2.42 -6.83
C ALA C 123 -13.76 -2.34 -7.18
N GLU C 124 -12.92 -3.03 -6.41
CA GLU C 124 -11.48 -2.99 -6.68
C GLU C 124 -11.21 -3.62 -8.04
N LEU C 125 -11.80 -4.79 -8.27
CA LEU C 125 -11.67 -5.49 -9.56
C LEU C 125 -12.22 -4.64 -10.72
N SER C 126 -13.36 -3.98 -10.54
CA SER C 126 -13.86 -3.09 -11.61
C SER C 126 -12.86 -2.00 -11.94
N ALA C 127 -12.38 -1.30 -10.92
CA ALA C 127 -11.40 -0.27 -11.14
C ALA C 127 -10.15 -0.84 -11.75
N ALA C 128 -9.65 -1.95 -11.19
CA ALA C 128 -8.44 -2.52 -11.71
C ALA C 128 -8.61 -2.89 -13.19
N ALA C 129 -9.73 -3.51 -13.53
CA ALA C 129 -9.89 -3.86 -14.93
C ALA C 129 -9.99 -2.62 -15.81
N LEU C 130 -10.69 -1.58 -15.33
CA LEU C 130 -10.98 -0.44 -16.20
C LEU C 130 -9.79 0.49 -16.32
N GLN C 131 -9.02 0.64 -15.23
CA GLN C 131 -8.00 1.67 -15.14
C GLN C 131 -6.60 1.17 -15.34
N TYR C 132 -6.38 -0.13 -15.21
CA TYR C 132 -5.11 -0.75 -15.53
C TYR C 132 -5.20 -1.84 -16.57
N SER C 133 -6.40 -2.23 -16.99
CA SER C 133 -6.56 -3.31 -17.97
C SER C 133 -6.06 -4.64 -17.41
N ASP C 134 -6.21 -4.79 -16.10
CA ASP C 134 -5.87 -6.03 -15.41
C ASP C 134 -6.75 -7.19 -15.87
N ASN C 135 -6.11 -8.27 -16.32
CA ASN C 135 -6.91 -9.28 -16.98
C ASN C 135 -7.59 -10.22 -15.99
N VAL C 136 -6.93 -10.51 -14.87
CA VAL C 136 -7.57 -11.28 -13.81
C VAL C 136 -8.82 -10.56 -13.34
N ALA C 137 -8.72 -9.24 -13.12
CA ALA C 137 -9.91 -8.47 -12.78
C ALA C 137 -11.04 -8.70 -13.78
N MET C 138 -10.71 -8.77 -15.07
CA MET C 138 -11.77 -8.88 -16.05
C MET C 138 -12.46 -10.23 -15.85
N ASN C 139 -11.62 -11.29 -15.69
CA ASN C 139 -12.14 -12.66 -15.56
C ASN C 139 -13.06 -12.76 -14.37
N LYS C 140 -12.72 -12.07 -13.28
CA LYS C 140 -13.58 -12.10 -12.12
C LYS C 140 -14.91 -11.40 -12.40
N LEU C 141 -14.87 -10.26 -13.14
CA LEU C 141 -16.12 -9.60 -13.50
C LEU C 141 -16.96 -10.56 -14.32
N ILE C 142 -16.34 -11.18 -15.32
CA ILE C 142 -17.08 -12.08 -16.21
C ILE C 142 -17.67 -13.23 -15.44
N ALA C 143 -16.87 -13.85 -14.57
CA ALA C 143 -17.31 -15.06 -13.87
C ALA C 143 -18.39 -14.69 -12.88
N HIS C 144 -18.28 -13.56 -12.26
CA HIS C 144 -19.32 -13.19 -11.31
C HIS C 144 -20.69 -12.88 -11.95
N VAL C 145 -20.74 -12.39 -13.19
CA VAL C 145 -22.07 -12.14 -13.76
C VAL C 145 -22.61 -13.37 -14.43
N GLY C 146 -21.77 -14.39 -14.66
CA GLY C 146 -22.24 -15.70 -15.06
C GLY C 146 -21.64 -16.33 -16.30
N GLY C 147 -20.53 -15.80 -16.79
CA GLY C 147 -19.96 -16.24 -18.05
C GLY C 147 -20.05 -15.19 -19.16
N PRO C 148 -19.25 -15.36 -20.20
CA PRO C 148 -19.30 -14.39 -21.32
C PRO C 148 -20.71 -14.18 -21.86
N ALA C 149 -21.49 -15.25 -21.98
CA ALA C 149 -22.85 -15.14 -22.48
C ALA C 149 -23.67 -14.20 -21.60
N SER C 150 -23.43 -14.22 -20.28
CA SER C 150 -24.20 -13.36 -19.39
CA SER C 150 -24.22 -13.36 -19.40
C SER C 150 -23.84 -11.89 -19.58
N VAL C 151 -22.61 -11.60 -19.94
CA VAL C 151 -22.31 -10.22 -20.24
C VAL C 151 -23.00 -9.83 -21.54
N THR C 152 -22.99 -10.74 -22.51
CA THR C 152 -23.75 -10.49 -23.72
C THR C 152 -25.20 -10.24 -23.40
N ALA C 153 -25.75 -10.95 -22.43
CA ALA C 153 -27.15 -10.71 -22.10
C ALA C 153 -27.36 -9.29 -21.62
N PHE C 154 -26.46 -8.78 -20.78
CA PHE C 154 -26.59 -7.40 -20.33
C PHE C 154 -26.64 -6.46 -21.51
N ALA C 155 -25.74 -6.65 -22.48
CA ALA C 155 -25.72 -5.78 -23.66
C ALA C 155 -27.08 -5.77 -24.33
N ARG C 156 -27.64 -6.96 -24.54
CA ARG C 156 -28.98 -7.08 -25.11
C ARG C 156 -30.00 -6.34 -24.26
N GLN C 157 -29.92 -6.54 -22.95
CA GLN C 157 -30.80 -5.81 -22.06
C GLN C 157 -30.70 -4.30 -22.25
N LEU C 158 -29.56 -3.78 -22.73
CA LEU C 158 -29.47 -2.36 -23.00
C LEU C 158 -29.88 -2.00 -24.42
N GLY C 159 -30.32 -2.96 -25.22
CA GLY C 159 -30.65 -2.70 -26.60
C GLY C 159 -29.49 -2.84 -27.55
N ASP C 160 -28.31 -3.21 -27.06
CA ASP C 160 -27.20 -3.49 -27.94
C ASP C 160 -27.38 -4.91 -28.45
N GLU C 161 -27.68 -5.05 -29.73
CA GLU C 161 -27.80 -6.32 -30.40
C GLU C 161 -26.57 -6.71 -31.21
N THR C 162 -25.51 -5.94 -31.14
CA THR C 162 -24.33 -6.25 -31.93
C THR C 162 -23.23 -6.89 -31.10
N PHE C 163 -23.00 -6.33 -29.91
CA PHE C 163 -21.99 -6.79 -28.96
C PHE C 163 -22.08 -8.30 -28.70
N ARG C 164 -20.94 -8.99 -28.77
CA ARG C 164 -20.90 -10.40 -28.37
C ARG C 164 -19.59 -10.66 -27.62
N LEU C 165 -19.70 -11.22 -26.41
CA LEU C 165 -18.58 -11.69 -25.60
C LEU C 165 -18.65 -13.20 -25.54
N ASP C 166 -17.62 -13.85 -26.04
CA ASP C 166 -17.58 -15.28 -26.15
C ASP C 166 -16.52 -15.92 -25.33
N ARG C 167 -15.41 -15.23 -25.06
CA ARG C 167 -14.31 -15.86 -24.36
C ARG C 167 -13.91 -15.02 -23.15
N THR C 168 -13.02 -15.59 -22.34
CA THR C 168 -12.46 -14.98 -21.15
C THR C 168 -11.09 -14.44 -21.52
N GLU C 169 -10.40 -13.85 -20.54
CA GLU C 169 -9.02 -13.44 -20.74
C GLU C 169 -8.09 -14.65 -20.59
N PRO C 170 -7.05 -14.75 -21.41
CA PRO C 170 -6.62 -13.77 -22.43
C PRO C 170 -7.12 -14.08 -23.84
N THR C 171 -7.77 -15.22 -24.04
CA THR C 171 -8.01 -15.63 -25.42
C THR C 171 -8.92 -14.65 -26.17
N LEU C 172 -9.67 -13.79 -25.48
CA LEU C 172 -10.63 -12.93 -26.13
C LEU C 172 -9.95 -11.85 -26.98
N ASN C 173 -8.68 -11.62 -26.78
CA ASN C 173 -7.89 -10.65 -27.53
C ASN C 173 -7.27 -11.19 -28.80
N THR C 174 -7.57 -12.42 -29.21
CA THR C 174 -6.95 -12.92 -30.42
C THR C 174 -7.23 -11.99 -31.60
N ALA C 175 -8.47 -11.49 -31.72
CA ALA C 175 -8.83 -10.48 -32.73
C ALA C 175 -8.43 -10.92 -34.14
N ILE C 176 -8.92 -12.09 -34.55
CA ILE C 176 -8.40 -12.75 -35.74
C ILE C 176 -9.26 -12.24 -36.90
N PRO C 177 -8.67 -11.74 -37.99
CA PRO C 177 -9.51 -11.24 -39.09
C PRO C 177 -10.58 -12.24 -39.51
N GLY C 178 -11.80 -11.74 -39.64
CA GLY C 178 -12.93 -12.60 -39.94
C GLY C 178 -13.41 -13.45 -38.78
N ASP C 179 -12.82 -13.34 -37.59
CA ASP C 179 -13.36 -14.00 -36.41
C ASP C 179 -14.39 -13.10 -35.76
N PRO C 180 -15.65 -13.53 -35.63
CA PRO C 180 -16.69 -12.70 -34.99
C PRO C 180 -16.71 -12.79 -33.48
N ARG C 181 -15.90 -13.66 -32.88
CA ARG C 181 -15.95 -13.76 -31.43
C ARG C 181 -15.41 -12.48 -30.79
N ASP C 182 -16.11 -12.00 -29.74
CA ASP C 182 -15.57 -10.93 -28.93
C ASP C 182 -15.48 -9.65 -29.77
N THR C 183 -16.51 -9.45 -30.59
CA THR C 183 -16.53 -8.27 -31.43
C THR C 183 -17.81 -7.47 -31.25
N THR C 184 -17.77 -6.25 -31.83
CA THR C 184 -18.89 -5.31 -31.89
C THR C 184 -18.63 -4.32 -33.03
N SER C 185 -19.58 -3.48 -33.30
CA SER C 185 -19.39 -2.42 -34.29
C SER C 185 -19.11 -1.08 -33.61
N PRO C 186 -18.38 -0.17 -34.26
CA PRO C 186 -18.14 1.12 -33.59
C PRO C 186 -19.43 1.85 -33.31
N ARG C 187 -20.44 1.65 -34.14
CA ARG C 187 -21.71 2.32 -33.94
C ARG C 187 -22.42 1.77 -32.72
N ALA C 188 -22.46 0.44 -32.61
CA ALA C 188 -23.12 -0.17 -31.46
C ALA C 188 -22.43 0.20 -30.16
N MET C 189 -21.11 0.24 -30.17
CA MET C 189 -20.38 0.52 -28.94
C MET C 189 -20.48 1.97 -28.54
N ALA C 190 -20.47 2.88 -29.51
CA ALA C 190 -20.68 4.29 -29.19
C ALA C 190 -22.03 4.47 -28.51
N GLN C 191 -23.09 3.91 -29.09
CA GLN C 191 -24.41 4.16 -28.52
C GLN C 191 -24.47 3.56 -27.13
N THR C 192 -23.89 2.37 -26.96
CA THR C 192 -23.94 1.78 -25.65
C THR C 192 -23.12 2.60 -24.65
N LEU C 193 -21.93 3.06 -25.03
CA LEU C 193 -21.17 3.88 -24.10
C LEU C 193 -21.93 5.17 -23.78
N ARG C 194 -22.61 5.72 -24.80
CA ARG C 194 -23.42 6.90 -24.54
C ARG C 194 -24.42 6.60 -23.46
N ASN C 195 -25.18 5.52 -23.63
CA ASN C 195 -26.25 5.16 -22.71
C ASN C 195 -25.69 4.90 -21.31
N LEU C 196 -24.47 4.33 -21.24
CA LEU C 196 -23.90 3.95 -19.93
C LEU C 196 -23.43 5.19 -19.17
N THR C 197 -22.61 6.01 -19.82
CA THR C 197 -21.94 7.10 -19.17
C THR C 197 -22.70 8.42 -19.22
N LEU C 198 -23.67 8.60 -20.11
CA LEU C 198 -24.45 9.85 -20.17
C LEU C 198 -25.94 9.60 -20.22
N GLY C 199 -26.38 8.38 -20.50
CA GLY C 199 -27.79 8.02 -20.57
C GLY C 199 -28.27 7.48 -19.24
N LYS C 200 -29.40 6.78 -19.27
CA LYS C 200 -30.02 6.25 -18.06
C LYS C 200 -30.05 4.70 -18.02
N ALA C 201 -29.17 4.05 -18.78
CA ALA C 201 -28.99 2.60 -18.68
C ALA C 201 -28.63 2.13 -17.27
N LEU C 202 -27.81 2.88 -16.56
CA LEU C 202 -27.49 2.63 -15.16
C LEU C 202 -28.14 3.72 -14.34
N GLY C 203 -28.21 3.53 -13.04
CA GLY C 203 -28.74 4.56 -12.18
C GLY C 203 -27.72 5.63 -11.94
N ASP C 204 -28.15 6.68 -11.26
CA ASP C 204 -27.26 7.83 -11.16
C ASP C 204 -25.99 7.47 -10.41
N SER C 205 -26.09 6.77 -9.28
CA SER C 205 -24.88 6.41 -8.55
C SER C 205 -23.97 5.51 -9.39
N GLN C 206 -24.55 4.55 -10.11
CA GLN C 206 -23.72 3.65 -10.92
C GLN C 206 -23.07 4.36 -12.08
N ARG C 207 -23.87 5.17 -12.81
CA ARG C 207 -23.32 6.04 -13.86
CA ARG C 207 -23.31 6.02 -13.86
C ARG C 207 -22.14 6.82 -13.33
N ALA C 208 -22.35 7.56 -12.23
CA ALA C 208 -21.27 8.33 -11.64
C ALA C 208 -20.06 7.45 -11.32
N GLN C 209 -20.28 6.27 -10.74
CA GLN C 209 -19.15 5.39 -10.46
C GLN C 209 -18.40 5.04 -11.74
N LEU C 210 -19.14 4.64 -12.77
CA LEU C 210 -18.50 4.22 -14.01
C LEU C 210 -17.65 5.33 -14.59
N VAL C 211 -18.22 6.54 -14.69
CA VAL C 211 -17.49 7.65 -15.26
C VAL C 211 -16.32 7.97 -14.35
N THR C 212 -16.54 7.90 -13.04
CA THR C 212 -15.43 8.07 -12.11
C THR C 212 -14.32 7.06 -12.39
N TRP C 213 -14.68 5.80 -12.65
CA TRP C 213 -13.62 4.80 -12.87
C TRP C 213 -12.90 5.06 -14.18
N MET C 214 -13.64 5.40 -15.25
CA MET C 214 -12.92 5.61 -16.50
C MET C 214 -12.20 6.95 -16.57
N LYS C 215 -12.66 7.98 -15.89
CA LYS C 215 -11.90 9.23 -15.88
C LYS C 215 -10.51 9.01 -15.29
N GLY C 216 -10.41 8.05 -14.39
CA GLY C 216 -9.12 7.73 -13.83
C GLY C 216 -8.35 6.67 -14.55
N ASN C 217 -8.79 6.26 -15.74
CA ASN C 217 -8.02 5.28 -16.48
C ASN C 217 -6.59 5.77 -16.56
N THR C 218 -5.66 4.84 -16.39
CA THR C 218 -4.24 5.13 -16.47
C THR C 218 -3.62 4.68 -17.81
N THR C 219 -4.38 3.98 -18.67
CA THR C 219 -3.80 3.34 -19.85
C THR C 219 -3.98 4.13 -21.15
N GLY C 220 -4.72 5.23 -21.18
CA GLY C 220 -5.11 5.83 -22.45
C GLY C 220 -4.39 7.08 -22.89
N ALA C 221 -3.31 7.47 -22.24
CA ALA C 221 -2.76 8.78 -22.53
C ALA C 221 -2.21 8.90 -23.94
N ALA C 222 -2.00 7.78 -24.63
CA ALA C 222 -1.44 7.78 -25.98
C ALA C 222 -2.46 7.61 -27.11
N SER C 223 -3.72 7.36 -26.80
CA SER C 223 -4.68 6.91 -27.79
C SER C 223 -5.52 8.12 -28.16
N ILE C 224 -6.81 8.09 -27.84
CA ILE C 224 -7.68 9.23 -28.17
C ILE C 224 -7.20 10.52 -27.52
N GLN C 225 -7.06 10.52 -26.19
CA GLN C 225 -6.62 11.68 -25.41
C GLN C 225 -5.47 12.36 -26.11
N ALA C 226 -4.64 11.54 -26.71
CA ALA C 226 -3.49 12.05 -27.43
C ALA C 226 -3.88 13.06 -28.50
N GLY C 227 -5.02 12.86 -29.17
CA GLY C 227 -5.38 13.69 -30.31
C GLY C 227 -6.41 14.73 -29.99
N LEU C 228 -6.53 15.08 -28.71
CA LEU C 228 -7.53 16.01 -28.25
C LEU C 228 -6.93 17.18 -27.47
N PRO C 229 -7.62 18.33 -27.48
CA PRO C 229 -7.22 19.42 -26.58
C PRO C 229 -6.98 18.95 -25.14
N ALA C 230 -5.79 19.27 -24.64
CA ALA C 230 -5.38 18.83 -23.31
C ALA C 230 -6.32 19.31 -22.22
N SER C 231 -7.09 20.35 -22.50
CA SER C 231 -8.00 20.88 -21.50
C SER C 231 -9.18 19.97 -21.26
N TRP C 232 -9.50 19.11 -22.24
CA TRP C 232 -10.72 18.33 -22.16
C TRP C 232 -10.65 17.11 -21.25
N VAL C 233 -11.69 16.91 -20.44
CA VAL C 233 -11.77 15.73 -19.59
C VAL C 233 -12.09 14.51 -20.45
N VAL C 234 -11.42 13.42 -20.15
CA VAL C 234 -11.63 12.18 -20.89
C VAL C 234 -11.79 11.05 -19.90
N GLY C 235 -12.85 10.25 -20.08
CA GLY C 235 -12.93 8.91 -19.55
C GLY C 235 -12.81 7.95 -20.70
N ASP C 236 -11.84 7.02 -20.65
CA ASP C 236 -11.70 6.09 -21.76
C ASP C 236 -11.28 4.70 -21.29
N LYS C 237 -11.44 3.74 -22.19
CA LYS C 237 -10.91 2.40 -22.01
C LYS C 237 -10.24 1.95 -23.30
N THR C 238 -8.95 1.64 -23.19
CA THR C 238 -8.16 1.17 -24.31
C THR C 238 -8.35 -0.32 -24.57
N GLY C 239 -7.84 -0.80 -25.73
CA GLY C 239 -7.87 -2.19 -26.14
C GLY C 239 -6.61 -2.51 -26.92
N SER C 240 -5.97 -3.62 -26.57
CA SER C 240 -4.75 -4.12 -27.18
C SER C 240 -5.05 -5.54 -27.64
N GLY C 241 -4.78 -5.85 -28.90
CA GLY C 241 -4.95 -7.21 -29.39
C GLY C 241 -3.83 -7.68 -30.30
N GLY C 242 -3.89 -8.96 -30.66
CA GLY C 242 -3.13 -9.46 -31.79
C GLY C 242 -3.57 -8.77 -33.08
N TYR C 243 -2.88 -9.10 -34.16
CA TYR C 243 -3.14 -8.46 -35.44
C TYR C 243 -3.07 -6.94 -35.28
N GLY C 244 -2.10 -6.52 -34.48
CA GLY C 244 -1.83 -5.14 -34.15
C GLY C 244 -3.09 -4.39 -33.80
N THR C 245 -4.05 -5.06 -33.18
CA THR C 245 -5.31 -4.42 -32.87
C THR C 245 -5.12 -3.37 -31.80
N THR C 246 -5.65 -2.18 -32.04
CA THR C 246 -5.52 -1.09 -31.09
C THR C 246 -6.80 -0.28 -31.04
N ASN C 247 -7.38 -0.20 -29.85
CA ASN C 247 -8.73 0.31 -29.68
C ASN C 247 -8.80 1.30 -28.52
N ASP C 248 -9.86 2.11 -28.52
CA ASP C 248 -10.07 3.04 -27.43
C ASP C 248 -11.50 3.52 -27.56
N ILE C 249 -12.23 3.55 -26.45
CA ILE C 249 -13.57 4.09 -26.43
C ILE C 249 -13.61 5.14 -25.34
N ALA C 250 -14.20 6.30 -25.66
CA ALA C 250 -14.08 7.45 -24.79
C ALA C 250 -15.38 8.25 -24.74
N VAL C 251 -15.74 8.65 -23.51
CA VAL C 251 -16.66 9.76 -23.27
C VAL C 251 -15.78 10.97 -23.01
N ILE C 252 -16.15 12.11 -23.59
CA ILE C 252 -15.31 13.29 -23.73
C ILE C 252 -16.12 14.52 -23.37
N TRP C 253 -15.52 15.41 -22.59
CA TRP C 253 -16.18 16.63 -22.15
C TRP C 253 -15.30 17.83 -22.54
N PRO C 254 -15.51 18.42 -23.71
CA PRO C 254 -14.82 19.67 -24.00
C PRO C 254 -15.29 20.74 -23.02
N LYS C 255 -14.46 21.77 -22.87
CA LYS C 255 -14.85 22.85 -21.99
C LYS C 255 -16.00 23.58 -22.66
N ASP C 256 -17.07 23.79 -21.90
CA ASP C 256 -18.21 24.58 -22.34
C ASP C 256 -18.86 24.03 -23.60
N ARG C 257 -18.59 22.77 -23.92
CA ARG C 257 -19.27 22.10 -25.01
C ARG C 257 -20.08 20.92 -24.44
N ALA C 258 -21.01 20.43 -25.25
CA ALA C 258 -21.75 19.22 -24.95
C ALA C 258 -20.86 17.99 -25.18
N PRO C 259 -20.98 16.96 -24.36
CA PRO C 259 -19.99 15.87 -24.44
C PRO C 259 -20.13 15.07 -25.72
N LEU C 260 -19.06 14.35 -26.04
CA LEU C 260 -18.98 13.43 -27.16
C LEU C 260 -18.72 12.01 -26.68
N ILE C 261 -19.04 11.06 -27.55
CA ILE C 261 -18.71 9.65 -27.40
C ILE C 261 -17.86 9.32 -28.61
N LEU C 262 -16.72 8.68 -28.39
CA LEU C 262 -15.80 8.39 -29.48
C LEU C 262 -15.20 6.98 -29.36
N VAL C 263 -15.49 6.13 -30.35
CA VAL C 263 -14.95 4.79 -30.49
C VAL C 263 -13.99 4.85 -31.65
N THR C 264 -12.73 4.54 -31.39
CA THR C 264 -11.73 4.32 -32.43
C THR C 264 -11.22 2.89 -32.30
N TYR C 265 -11.51 2.09 -33.33
CA TYR C 265 -11.08 0.71 -33.43
C TYR C 265 -10.11 0.66 -34.59
N PHE C 266 -8.99 -0.04 -34.40
CA PHE C 266 -7.97 -0.16 -35.44
C PHE C 266 -7.39 -1.55 -35.43
N THR C 267 -7.36 -2.19 -36.58
CA THR C 267 -6.70 -3.48 -36.74
C THR C 267 -5.84 -3.47 -37.99
N GLN C 268 -4.99 -4.48 -38.12
CA GLN C 268 -3.97 -4.54 -39.15
C GLN C 268 -3.99 -5.95 -39.71
N PRO C 269 -3.46 -6.15 -40.92
CA PRO C 269 -3.54 -7.49 -41.52
C PRO C 269 -2.43 -8.48 -41.15
N GLN C 270 -1.38 -8.09 -40.39
CA GLN C 270 -0.25 -8.99 -40.13
C GLN C 270 -0.19 -9.39 -38.64
N PRO C 271 -0.35 -10.65 -38.29
CA PRO C 271 -0.71 -10.98 -36.91
C PRO C 271 0.24 -10.53 -35.81
N LYS C 272 1.54 -10.32 -36.08
CA LYS C 272 2.44 -9.75 -35.08
C LYS C 272 2.68 -8.24 -35.29
N ALA C 273 1.68 -7.53 -35.78
CA ALA C 273 1.84 -6.11 -36.02
C ALA C 273 1.79 -5.32 -34.72
N GLU C 274 2.63 -4.31 -34.62
CA GLU C 274 2.79 -3.59 -33.37
C GLU C 274 1.60 -2.68 -33.08
N SER C 275 1.57 -2.18 -31.84
CA SER C 275 0.49 -1.31 -31.39
C SER C 275 0.57 0.05 -32.09
N ARG C 276 -0.57 0.54 -32.55
CA ARG C 276 -0.60 1.80 -33.31
C ARG C 276 -1.48 2.83 -32.62
N ARG C 277 -1.16 3.18 -31.37
CA ARG C 277 -2.02 4.08 -30.62
C ARG C 277 -2.06 5.48 -31.20
N ASP C 278 -1.10 5.78 -32.07
CA ASP C 278 -1.04 7.08 -32.73
C ASP C 278 -2.17 7.22 -33.73
N VAL C 279 -2.50 6.13 -34.43
CA VAL C 279 -3.62 6.16 -35.36
C VAL C 279 -4.88 6.56 -34.64
N LEU C 280 -5.12 5.95 -33.48
CA LEU C 280 -6.26 6.37 -32.67
C LEU C 280 -6.19 7.87 -32.40
N ALA C 281 -4.98 8.37 -32.16
CA ALA C 281 -4.82 9.78 -31.82
C ALA C 281 -5.13 10.66 -33.02
N SER C 282 -4.57 10.30 -34.19
CA SER C 282 -4.87 11.00 -35.42
C SER C 282 -6.36 10.99 -35.71
N ALA C 283 -6.92 9.78 -35.84
CA ALA C 283 -8.34 9.65 -36.08
C ALA C 283 -9.14 10.49 -35.10
N ALA C 284 -8.74 10.46 -33.82
CA ALA C 284 -9.43 11.26 -32.81
C ALA C 284 -9.37 12.76 -33.13
N LYS C 285 -8.24 13.23 -33.67
CA LYS C 285 -8.17 14.65 -33.96
C LYS C 285 -8.89 14.99 -35.26
N ILE C 286 -8.78 14.10 -36.25
CA ILE C 286 -9.47 14.26 -37.53
C ILE C 286 -10.95 14.51 -37.29
N VAL C 287 -11.57 13.65 -36.50
CA VAL C 287 -13.02 13.71 -36.35
C VAL C 287 -13.42 14.83 -35.39
N THR C 288 -12.53 15.25 -34.50
CA THR C 288 -12.80 16.35 -33.59
C THR C 288 -12.43 17.70 -34.19
N ASP C 289 -11.61 17.75 -35.23
CA ASP C 289 -11.55 18.93 -36.09
C ASP C 289 -12.93 19.37 -36.60
N GLY C 290 -13.42 20.48 -36.06
CA GLY C 290 -14.74 20.96 -36.42
C GLY C 290 -15.76 20.68 -35.34
C13 NW3 D . 9.24 16.03 -15.43
C15 NW3 D . 7.79 13.89 -15.65
C17 NW3 D . 7.58 12.64 -17.71
C21 NW3 D . 6.73 10.23 -14.13
C24 NW3 D . 9.09 8.91 -12.75
C01 NW3 D . 9.30 10.85 -14.56
C02 NW3 D . 8.84 10.45 -13.12
C03 NW3 D . 7.52 10.85 -12.96
C05 NW3 D . 8.75 12.91 -11.96
C07 NW3 D . 10.04 13.74 -12.36
C08 NW3 D . 10.60 14.70 -11.28
C11 NW3 D . 9.62 15.76 -13.96
C14 NW3 D . 8.66 14.81 -16.24
C16 NW3 D . 7.27 12.84 -16.40
C18 NW3 D . 8.43 13.54 -18.31
C19 NW3 D . 8.98 14.60 -17.57
N04 NW3 D . 7.83 12.61 -13.00
N10 NW3 D . 9.70 14.33 -13.66
N20 NW3 D . 10.21 16.96 -16.10
O09 NW3 D . 11.74 14.78 -11.94
O12 NW3 D . 9.85 16.59 -13.20
O22 NW3 D . 5.61 10.69 -14.47
O23 NW3 D . 7.16 9.21 -14.74
S06 NW3 D . 9.45 11.41 -11.99
C13 NW3 E . -3.57 -20.61 33.69
C15 NW3 E . -6.02 -20.42 34.25
C17 NW3 E . -7.69 -19.75 32.68
C21 NW3 E . -6.70 -17.31 29.67
C24 NW3 E . -6.30 -14.20 30.62
C01 NW3 E . -6.32 -16.38 32.10
C02 NW3 E . -5.62 -15.62 30.94
C03 NW3 E . -5.48 -16.40 29.78
C05 NW3 E . -3.03 -16.58 30.79
C07 NW3 E . -2.44 -17.15 32.15
C08 NW3 E . -0.94 -17.45 32.06
C11 NW3 E . -2.55 -19.58 33.14
C14 NW3 E . -5.02 -20.27 33.30
C16 NW3 E . -7.35 -20.16 33.95
C18 NW3 E . -6.70 -19.61 31.74
C19 NW3 E . -5.37 -19.88 32.04
N04 NW3 E . -4.00 -17.34 30.14
N10 NW3 E . -3.15 -18.31 32.66
N20 NW3 E . -3.43 -20.71 35.16
O09 NW3 E . -0.82 -17.42 33.41
O12 NW3 E . -1.42 -19.87 33.13
O22 NW3 E . -7.90 -17.01 29.98
O23 NW3 E . -6.51 -18.47 29.24
S06 NW3 E . -4.06 -15.41 31.36
S SO4 F . -13.03 2.80 13.30
O1 SO4 F . -13.40 2.35 14.63
O2 SO4 F . -13.51 1.85 12.32
O3 SO4 F . -13.61 4.11 12.98
O4 SO4 F . -11.58 2.89 13.25
C13 NW3 G . -3.85 -8.34 -22.47
C15 NW3 G . -1.57 -8.71 -23.57
C17 NW3 G . 0.10 -6.98 -23.74
C21 NW3 G . -1.52 -1.53 -23.18
C24 NW3 G . -4.13 -0.23 -21.81
C01 NW3 G . -3.87 -0.73 -24.41
C02 NW3 G . -3.94 -1.29 -22.96
C03 NW3 G . -2.84 -2.09 -22.65
C05 NW3 G . -4.77 -3.83 -22.64
C07 NW3 G . -5.39 -4.78 -23.74
C08 NW3 G . -6.92 -5.01 -23.74
C11 NW3 G . -4.71 -7.02 -22.42
C14 NW3 G . -2.44 -7.88 -22.90
C16 NW3 G . -0.32 -8.25 -23.97
C18 NW3 G . -0.78 -6.14 -23.08
C19 NW3 G . -2.04 -6.61 -22.68
N04 NW3 G . -3.33 -3.81 -22.85
N10 NW3 G . -4.66 -6.09 -23.62
N20 NW3 G . -4.51 -9.33 -23.38
O09 NW3 G . -7.37 -6.05 -23.39
O12 NW3 G . -5.35 -6.75 -21.49
O22 NW3 G . -1.14 -0.41 -22.72
O23 NW3 G . -0.77 -2.10 -24.06
S06 NW3 G . -5.27 -2.21 -22.82
#